data_2YBA
#
_entry.id   2YBA
#
_cell.length_a   55.980
_cell.length_b   88.160
_cell.length_c   204.070
_cell.angle_alpha   90.00
_cell.angle_beta   90.00
_cell.angle_gamma   90.00
#
_symmetry.space_group_name_H-M   'P 21 21 21'
#
loop_
_entity.id
_entity.type
_entity.pdbx_description
1 polymer 'PROBABLE HISTONE-BINDING PROTEIN CAF1'
2 polymer 'HISTONE H3'
3 water water
#
loop_
_entity_poly.entity_id
_entity_poly.type
_entity_poly.pdbx_seq_one_letter_code
_entity_poly.pdbx_strand_id
1 'polypeptide(L)'
;GGGRMVDRSDNAAESFDDAVEERVINEEYKIWKKNTPFLYDLVMTHALEWPSLTAQWLPDVTKQDGKDYSVHRLILGTHT
SDEQNHLLIASVQLPSEDAQFDGSHYDNEKGEFGGFGSVCGKIEIEIKINHEGEVNRARYMPQNACVIATKTPSSDVLVF
DYTKHPSKPEPSGECQPDLRLRGHQKEGYGLSWNPNLNGYLLSASDDHTICLWDINATPKEHRVIDAKNIFTGHTAVVED
VAWHLLHESLFGSVADDQKLMIWDTRNNNTSKPSHTVDAHTAEVNCLSFNPYSEFILATGSADKTVALWDLRNLKLKLHS
FESHKDEIFQVQWSPHNETILASSGTDRRLHVWDLSKIGEEQSTEDAEDGPPELLFIHGGHTAKISDFSWNPNEPWIICS
VSEDNIMQVWQMAENVYNDEEP
;
A,B
2 'polypeptide(L)' ARTKQTARKSTGGKAPRKQ C,D
#
# COMPACT_ATOMS: atom_id res chain seq x y z
N ALA A 13 5.50 -15.77 -4.58
CA ALA A 13 4.59 -15.84 -5.74
C ALA A 13 5.33 -15.55 -7.06
N GLU A 14 4.76 -15.95 -8.23
CA GLU A 14 5.38 -15.82 -9.56
C GLU A 14 5.63 -14.35 -9.94
N SER A 15 4.66 -13.46 -9.70
CA SER A 15 4.87 -12.03 -9.94
C SER A 15 5.69 -11.44 -8.80
N PHE A 16 6.60 -10.53 -9.13
CA PHE A 16 7.39 -9.83 -8.13
C PHE A 16 6.44 -9.06 -7.18
N ASP A 17 5.48 -8.30 -7.76
CA ASP A 17 4.47 -7.53 -7.03
C ASP A 17 3.64 -8.44 -6.17
N ASP A 18 3.36 -9.67 -6.63
CA ASP A 18 2.58 -10.66 -5.90
C ASP A 18 3.35 -11.19 -4.70
N ALA A 19 4.64 -11.47 -4.90
CA ALA A 19 5.52 -12.00 -3.85
C ALA A 19 5.81 -10.94 -2.78
N VAL A 20 5.89 -9.67 -3.18
CA VAL A 20 6.10 -8.53 -2.28
C VAL A 20 4.86 -8.34 -1.45
N GLU A 21 3.68 -8.33 -2.10
CA GLU A 21 2.39 -8.15 -1.43
C GLU A 21 2.22 -9.21 -0.32
N GLU A 22 2.52 -10.48 -0.62
CA GLU A 22 2.38 -11.54 0.37
C GLU A 22 3.38 -11.35 1.54
N ARG A 23 4.55 -10.82 1.20
CA ARG A 23 5.53 -10.60 2.21
C ARG A 23 5.17 -9.41 3.08
N VAL A 24 4.69 -8.30 2.48
CA VAL A 24 4.28 -7.09 3.19
C VAL A 24 3.19 -7.45 4.22
N ILE A 25 2.20 -8.29 3.84
CA ILE A 25 1.14 -8.74 4.77
C ILE A 25 1.78 -9.37 6.01
N ASN A 26 2.64 -10.40 5.79
CA ASN A 26 3.30 -11.13 6.87
C ASN A 26 4.14 -10.21 7.74
N GLU A 27 4.71 -9.18 7.13
CA GLU A 27 5.57 -8.23 7.83
C GLU A 27 4.75 -7.24 8.62
N GLU A 28 3.61 -6.78 8.06
CA GLU A 28 2.69 -5.85 8.71
C GLU A 28 2.08 -6.47 9.93
N TYR A 29 1.78 -7.77 9.83
CA TYR A 29 1.18 -8.51 10.92
C TYR A 29 2.16 -8.58 12.11
N LYS A 30 3.44 -8.89 11.83
CA LYS A 30 4.48 -8.99 12.85
C LYS A 30 4.64 -7.64 13.60
N ILE A 31 4.53 -6.52 12.86
CA ILE A 31 4.56 -5.16 13.42
C ILE A 31 3.27 -4.90 14.23
N TRP A 32 2.10 -5.28 13.70
CA TRP A 32 0.82 -5.15 14.38
C TRP A 32 0.89 -5.86 15.72
N LYS A 33 1.34 -7.15 15.74
CA LYS A 33 1.47 -7.95 16.96
C LYS A 33 2.32 -7.21 18.01
N LYS A 34 3.52 -6.75 17.60
CA LYS A 34 4.43 -6.07 18.50
C LYS A 34 3.87 -4.71 19.01
N ASN A 35 3.01 -4.03 18.23
CA ASN A 35 2.47 -2.74 18.61
C ASN A 35 1.08 -2.79 19.33
N THR A 36 0.52 -4.00 19.57
CA THR A 36 -0.80 -4.17 20.19
C THR A 36 -0.88 -3.52 21.59
N PRO A 37 0.15 -3.56 22.47
CA PRO A 37 0.01 -2.85 23.76
C PRO A 37 -0.15 -1.34 23.64
N PHE A 38 0.14 -0.74 22.46
CA PHE A 38 -0.03 0.71 22.26
C PHE A 38 -1.40 1.08 21.70
N LEU A 39 -2.00 0.18 20.93
CA LEU A 39 -3.25 0.44 20.24
C LEU A 39 -4.46 -0.20 20.87
N TYR A 40 -4.27 -1.21 21.72
CA TYR A 40 -5.41 -1.90 22.29
C TYR A 40 -5.37 -2.04 23.81
N ASP A 41 -6.57 -2.07 24.40
CA ASP A 41 -6.77 -2.33 25.82
C ASP A 41 -7.07 -3.81 26.00
N LEU A 42 -7.39 -4.51 24.90
CA LEU A 42 -7.72 -5.93 24.83
C LEU A 42 -7.53 -6.50 23.43
N VAL A 43 -6.90 -7.68 23.34
CA VAL A 43 -6.70 -8.50 22.13
C VAL A 43 -6.78 -9.95 22.53
N MET A 44 -7.76 -10.66 21.94
CA MET A 44 -7.98 -12.09 22.14
C MET A 44 -8.08 -12.75 20.79
N THR A 45 -7.22 -13.73 20.52
CA THR A 45 -7.22 -14.42 19.24
C THR A 45 -7.55 -15.89 19.47
N HIS A 46 -8.46 -16.44 18.64
CA HIS A 46 -8.90 -17.84 18.70
C HIS A 46 -9.05 -18.41 17.29
N ALA A 47 -8.52 -19.62 17.06
CA ALA A 47 -8.59 -20.28 15.77
C ALA A 47 -9.68 -21.31 15.80
N LEU A 48 -10.75 -21.07 15.05
CA LEU A 48 -11.89 -21.97 15.01
C LEU A 48 -11.56 -23.15 14.13
N GLU A 49 -12.20 -24.31 14.37
CA GLU A 49 -11.98 -25.53 13.58
C GLU A 49 -12.15 -25.22 12.09
N TRP A 50 -13.24 -24.51 11.76
CA TRP A 50 -13.62 -24.06 10.42
C TRP A 50 -13.82 -22.55 10.41
N PRO A 51 -13.69 -21.86 9.25
CA PRO A 51 -13.98 -20.42 9.27
C PRO A 51 -15.47 -20.17 9.46
N SER A 52 -15.80 -19.07 10.15
CA SER A 52 -17.18 -18.61 10.31
C SER A 52 -17.42 -17.44 9.37
N LEU A 53 -18.58 -17.45 8.68
CA LEU A 53 -19.04 -16.42 7.75
C LEU A 53 -19.88 -15.38 8.50
N THR A 54 -20.24 -15.71 9.75
CA THR A 54 -21.13 -14.90 10.58
C THR A 54 -20.60 -14.69 12.01
N ALA A 55 -21.01 -13.60 12.63
CA ALA A 55 -20.66 -13.26 14.00
C ALA A 55 -21.67 -12.29 14.52
N GLN A 56 -22.23 -12.59 15.68
CA GLN A 56 -23.18 -11.72 16.36
C GLN A 56 -23.19 -12.04 17.83
N TRP A 57 -22.96 -11.02 18.65
CA TRP A 57 -23.03 -11.15 20.09
C TRP A 57 -24.46 -11.35 20.55
N LEU A 58 -24.69 -12.29 21.47
CA LEU A 58 -26.00 -12.46 22.09
C LEU A 58 -26.14 -11.34 23.14
N PRO A 59 -27.35 -10.91 23.54
CA PRO A 59 -27.40 -9.73 24.43
C PRO A 59 -27.12 -9.98 25.91
N ASP A 60 -27.09 -11.23 26.36
CA ASP A 60 -26.92 -11.60 27.77
C ASP A 60 -25.49 -11.60 28.29
N VAL A 61 -25.33 -11.21 29.56
CA VAL A 61 -24.05 -11.22 30.27
C VAL A 61 -24.25 -11.88 31.65
N THR A 62 -23.49 -12.96 31.90
CA THR A 62 -23.50 -13.74 33.13
C THR A 62 -22.25 -13.37 33.95
N LYS A 63 -22.45 -12.59 35.02
CA LYS A 63 -21.35 -12.22 35.92
C LYS A 63 -21.32 -13.22 37.08
N GLN A 64 -20.29 -14.09 37.13
CA GLN A 64 -20.15 -15.05 38.23
C GLN A 64 -19.61 -14.28 39.45
N ASP A 65 -20.20 -14.52 40.64
CA ASP A 65 -19.83 -13.80 41.85
C ASP A 65 -18.43 -14.19 42.37
N GLY A 66 -17.66 -13.16 42.74
CA GLY A 66 -16.30 -13.31 43.23
C GLY A 66 -15.31 -13.65 42.13
N LYS A 67 -15.76 -13.58 40.86
CA LYS A 67 -14.94 -13.84 39.68
C LYS A 67 -14.57 -12.51 39.09
N ASP A 68 -13.32 -12.41 38.58
CA ASP A 68 -12.79 -11.17 37.98
C ASP A 68 -13.19 -11.05 36.49
N TYR A 69 -14.08 -11.95 36.02
CA TYR A 69 -14.56 -11.99 34.64
C TYR A 69 -16.08 -12.30 34.51
N SER A 70 -16.71 -11.75 33.46
CA SER A 70 -18.09 -11.96 33.05
C SER A 70 -18.10 -12.90 31.85
N VAL A 71 -19.21 -13.62 31.63
CA VAL A 71 -19.29 -14.51 30.47
C VAL A 71 -20.30 -13.93 29.45
N HIS A 72 -19.75 -13.61 28.26
CA HIS A 72 -20.47 -13.10 27.11
C HIS A 72 -20.61 -14.24 26.13
N ARG A 73 -21.64 -14.19 25.28
CA ARG A 73 -21.82 -15.25 24.29
C ARG A 73 -21.91 -14.66 22.90
N LEU A 74 -21.73 -15.50 21.90
CA LEU A 74 -21.68 -15.06 20.53
C LEU A 74 -22.22 -16.14 19.60
N ILE A 75 -22.95 -15.74 18.55
CA ILE A 75 -23.47 -16.69 17.56
C ILE A 75 -22.42 -16.78 16.44
N LEU A 76 -21.98 -17.99 16.15
CA LEU A 76 -21.02 -18.25 15.08
C LEU A 76 -21.59 -19.27 14.15
N GLY A 77 -20.84 -19.59 13.10
CA GLY A 77 -21.25 -20.59 12.13
C GLY A 77 -20.04 -21.31 11.58
N THR A 78 -20.26 -22.31 10.75
CA THR A 78 -19.14 -23.00 10.14
C THR A 78 -19.26 -22.86 8.64
N HIS A 79 -18.14 -23.06 7.97
CA HIS A 79 -18.04 -23.09 6.53
C HIS A 79 -17.01 -24.16 6.26
N THR A 80 -17.47 -25.34 5.84
CA THR A 80 -16.50 -26.42 5.62
C THR A 80 -16.50 -26.87 4.19
N SER A 81 -15.41 -27.58 3.80
CA SER A 81 -15.25 -28.12 2.47
C SER A 81 -16.23 -29.29 2.26
N ASP A 82 -16.08 -30.39 3.04
CA ASP A 82 -16.93 -31.58 2.92
C ASP A 82 -17.45 -32.13 4.28
N GLU A 83 -17.21 -31.44 5.39
CA GLU A 83 -17.63 -31.95 6.69
C GLU A 83 -19.00 -31.41 7.11
N GLN A 84 -19.51 -31.94 8.23
CA GLN A 84 -20.80 -31.52 8.79
C GLN A 84 -20.69 -30.08 9.28
N ASN A 85 -21.61 -29.23 8.81
CA ASN A 85 -21.68 -27.83 9.19
C ASN A 85 -22.49 -27.66 10.49
N HIS A 86 -22.15 -26.65 11.29
CA HIS A 86 -22.86 -26.40 12.54
C HIS A 86 -23.13 -24.94 12.77
N LEU A 87 -24.17 -24.69 13.55
CA LEU A 87 -24.52 -23.39 14.07
C LEU A 87 -23.91 -23.41 15.46
N LEU A 88 -23.09 -22.41 15.79
CA LEU A 88 -22.39 -22.41 17.06
C LEU A 88 -22.72 -21.26 17.98
N ILE A 89 -22.74 -21.55 19.28
CA ILE A 89 -22.82 -20.57 20.34
C ILE A 89 -21.50 -20.69 21.07
N ALA A 90 -20.73 -19.60 21.09
CA ALA A 90 -19.45 -19.56 21.77
C ALA A 90 -19.51 -18.65 23.00
N SER A 91 -18.78 -19.03 24.08
CA SER A 91 -18.68 -18.26 25.31
C SER A 91 -17.36 -17.53 25.33
N VAL A 92 -17.38 -16.30 25.83
CA VAL A 92 -16.21 -15.45 25.92
C VAL A 92 -16.12 -14.90 27.32
N GLN A 93 -14.94 -15.05 27.97
CA GLN A 93 -14.66 -14.49 29.29
C GLN A 93 -14.04 -13.13 29.12
N LEU A 94 -14.76 -12.07 29.55
CA LEU A 94 -14.28 -10.69 29.43
C LEU A 94 -14.17 -10.07 30.82
N PRO A 95 -13.27 -9.07 31.02
CA PRO A 95 -13.14 -8.47 32.37
C PRO A 95 -14.36 -7.69 32.84
N SER A 96 -14.70 -7.82 34.14
CA SER A 96 -15.82 -7.12 34.79
C SER A 96 -15.33 -6.27 35.96
N SER A 104 -6.81 -17.77 39.04
CA SER A 104 -5.73 -17.86 38.06
C SER A 104 -6.24 -18.06 36.60
N HIS A 105 -5.54 -17.42 35.64
CA HIS A 105 -5.87 -17.46 34.20
C HIS A 105 -4.69 -17.88 33.29
N TYR A 106 -3.67 -18.56 33.84
CA TYR A 106 -2.55 -19.04 33.04
C TYR A 106 -2.86 -20.44 32.47
N ASP A 107 -2.61 -20.63 31.16
CA ASP A 107 -2.85 -21.90 30.47
C ASP A 107 -1.54 -22.57 30.07
N ASN A 108 -1.37 -23.87 30.44
CA ASN A 108 -0.20 -24.69 30.11
C ASN A 108 -0.63 -25.84 29.20
N VAL A 119 -5.23 -17.45 25.91
CA VAL A 119 -4.02 -17.10 26.67
C VAL A 119 -4.42 -16.35 27.97
N CYS A 120 -5.24 -15.27 27.86
CA CYS A 120 -5.74 -14.48 29.01
C CYS A 120 -7.23 -14.19 28.77
N GLY A 121 -8.09 -15.11 29.22
CA GLY A 121 -9.53 -15.10 29.00
C GLY A 121 -9.85 -16.22 28.01
N LYS A 122 -10.79 -17.11 28.34
CA LYS A 122 -11.07 -18.25 27.47
C LYS A 122 -12.26 -18.03 26.52
N ILE A 123 -12.08 -18.50 25.29
CA ILE A 123 -13.08 -18.54 24.24
C ILE A 123 -13.39 -20.02 24.00
N GLU A 124 -14.65 -20.43 24.16
CA GLU A 124 -15.06 -21.83 24.03
C GLU A 124 -16.39 -22.02 23.33
N ILE A 125 -16.55 -23.14 22.58
CA ILE A 125 -17.79 -23.51 21.92
C ILE A 125 -18.70 -24.19 22.94
N GLU A 126 -19.88 -23.61 23.20
CA GLU A 126 -20.86 -24.14 24.17
C GLU A 126 -21.92 -25.02 23.50
N ILE A 127 -22.43 -24.58 22.33
CA ILE A 127 -23.50 -25.26 21.61
C ILE A 127 -23.07 -25.46 20.16
N LYS A 128 -23.31 -26.68 19.65
CA LYS A 128 -23.07 -27.12 18.28
C LYS A 128 -24.35 -27.69 17.75
N ILE A 129 -24.97 -27.01 16.80
CA ILE A 129 -26.23 -27.48 16.26
C ILE A 129 -26.02 -27.77 14.80
N ASN A 130 -26.33 -29.01 14.42
CA ASN A 130 -26.28 -29.51 13.07
C ASN A 130 -26.92 -28.53 12.09
N HIS A 131 -26.21 -28.22 11.00
CA HIS A 131 -26.70 -27.30 9.97
C HIS A 131 -26.45 -27.91 8.58
N GLU A 132 -27.40 -27.70 7.66
CA GLU A 132 -27.26 -28.17 6.28
C GLU A 132 -26.56 -27.09 5.47
N GLY A 133 -25.29 -27.34 5.12
CA GLY A 133 -24.46 -26.37 4.41
C GLY A 133 -23.92 -25.27 5.32
N GLU A 134 -23.02 -24.43 4.81
CA GLU A 134 -22.43 -23.33 5.59
C GLU A 134 -23.50 -22.33 6.05
N VAL A 135 -23.26 -21.72 7.21
CA VAL A 135 -24.13 -20.69 7.76
C VAL A 135 -23.68 -19.36 7.16
N ASN A 136 -24.38 -18.87 6.13
CA ASN A 136 -24.08 -17.60 5.45
C ASN A 136 -24.23 -16.40 6.41
N ARG A 137 -25.26 -16.46 7.28
CA ARG A 137 -25.58 -15.46 8.29
C ARG A 137 -26.49 -16.08 9.33
N ALA A 138 -26.32 -15.70 10.58
CA ALA A 138 -27.13 -16.16 11.69
C ALA A 138 -27.43 -14.98 12.59
N ARG A 139 -28.73 -14.73 12.83
CA ARG A 139 -29.15 -13.59 13.63
C ARG A 139 -30.21 -14.01 14.65
N TYR A 140 -30.09 -13.51 15.90
CA TYR A 140 -31.06 -13.82 16.95
C TYR A 140 -32.25 -12.89 16.87
N MET A 141 -33.44 -13.42 17.24
CA MET A 141 -34.68 -12.64 17.33
C MET A 141 -34.62 -11.77 18.58
N PRO A 142 -34.65 -10.42 18.48
CA PRO A 142 -34.50 -9.57 19.67
C PRO A 142 -35.49 -9.86 20.80
N GLN A 143 -36.72 -10.27 20.46
CA GLN A 143 -37.79 -10.54 21.43
C GLN A 143 -37.63 -11.89 22.13
N ASN A 144 -36.80 -12.81 21.57
CA ASN A 144 -36.48 -14.13 22.12
C ASN A 144 -35.14 -14.61 21.57
N ALA A 145 -34.05 -14.18 22.23
CA ALA A 145 -32.67 -14.45 21.83
C ALA A 145 -32.31 -15.96 21.72
N CYS A 146 -33.24 -16.87 22.07
CA CYS A 146 -33.02 -18.31 21.92
C CYS A 146 -33.36 -18.73 20.50
N VAL A 147 -34.09 -17.85 19.81
CA VAL A 147 -34.52 -18.04 18.42
C VAL A 147 -33.51 -17.37 17.47
N ILE A 148 -32.98 -18.16 16.54
CA ILE A 148 -31.98 -17.70 15.59
C ILE A 148 -32.35 -18.16 14.20
N ALA A 149 -32.44 -17.19 13.29
CA ALA A 149 -32.68 -17.44 11.88
C ALA A 149 -31.34 -17.59 11.19
N THR A 150 -31.26 -18.51 10.21
CA THR A 150 -30.02 -18.72 9.45
C THR A 150 -30.26 -18.74 7.93
N LYS A 151 -29.28 -18.21 7.20
CA LYS A 151 -29.26 -18.22 5.76
C LYS A 151 -28.38 -19.39 5.34
N THR A 152 -28.90 -20.27 4.48
CA THR A 152 -28.19 -21.48 4.03
C THR A 152 -27.64 -21.29 2.62
N PRO A 153 -26.77 -22.20 2.11
CA PRO A 153 -26.31 -22.08 0.71
C PRO A 153 -27.40 -22.56 -0.27
N SER A 154 -28.62 -22.84 0.25
CA SER A 154 -29.80 -23.28 -0.49
C SER A 154 -30.92 -22.23 -0.37
N SER A 155 -32.09 -22.51 -0.97
CA SER A 155 -33.23 -21.60 -1.04
C SER A 155 -33.92 -21.34 0.30
N ASP A 156 -33.93 -22.33 1.22
CA ASP A 156 -34.62 -22.18 2.49
C ASP A 156 -33.86 -21.31 3.49
N VAL A 157 -34.62 -20.70 4.38
CA VAL A 157 -34.14 -19.90 5.49
C VAL A 157 -34.64 -20.67 6.70
N LEU A 158 -33.73 -21.02 7.62
CA LEU A 158 -34.12 -21.83 8.77
C LEU A 158 -34.26 -21.00 10.02
N VAL A 159 -34.98 -21.53 10.98
CA VAL A 159 -35.18 -20.93 12.30
C VAL A 159 -34.86 -22.03 13.33
N PHE A 160 -34.10 -21.66 14.37
CA PHE A 160 -33.70 -22.59 15.42
C PHE A 160 -33.91 -22.01 16.80
N ASP A 161 -34.48 -22.81 17.70
CA ASP A 161 -34.58 -22.52 19.13
C ASP A 161 -33.52 -23.41 19.75
N TYR A 162 -32.37 -22.81 20.12
CA TYR A 162 -31.22 -23.59 20.60
C TYR A 162 -31.50 -24.33 21.92
N THR A 163 -32.54 -23.91 22.67
CA THR A 163 -32.94 -24.56 23.91
C THR A 163 -33.74 -25.84 23.61
N LYS A 164 -34.27 -25.96 22.36
CA LYS A 164 -35.01 -27.12 21.85
C LYS A 164 -34.05 -28.13 21.16
N HIS A 165 -32.73 -27.98 21.38
CA HIS A 165 -31.67 -28.83 20.83
C HIS A 165 -30.62 -29.18 21.90
N PRO A 166 -29.93 -30.36 21.83
CA PRO A 166 -28.87 -30.64 22.82
C PRO A 166 -27.61 -29.82 22.55
N SER A 167 -26.74 -29.66 23.58
CA SER A 167 -25.47 -28.91 23.48
C SER A 167 -24.50 -29.63 22.52
N LYS A 168 -24.51 -30.99 22.56
CA LYS A 168 -23.70 -31.82 21.68
C LYS A 168 -24.54 -32.26 20.47
N PRO A 169 -24.04 -32.11 19.22
CA PRO A 169 -24.86 -32.53 18.07
C PRO A 169 -24.82 -34.06 17.86
N GLU A 170 -25.79 -34.59 17.09
CA GLU A 170 -25.83 -36.03 16.81
C GLU A 170 -24.99 -36.41 15.60
N PRO A 171 -24.19 -37.49 15.71
CA PRO A 171 -23.39 -37.95 14.55
C PRO A 171 -24.23 -38.32 13.30
N SER A 172 -25.58 -38.37 13.44
CA SER A 172 -26.55 -38.61 12.36
C SER A 172 -26.35 -37.57 11.24
N GLY A 173 -25.84 -36.40 11.64
CA GLY A 173 -25.54 -35.27 10.78
C GLY A 173 -26.77 -34.56 10.24
N GLU A 174 -27.97 -34.94 10.72
CA GLU A 174 -29.22 -34.41 10.21
C GLU A 174 -29.61 -33.09 10.83
N CYS A 175 -29.83 -32.09 9.95
CA CYS A 175 -30.28 -30.75 10.30
C CYS A 175 -31.78 -30.80 10.56
N GLN A 176 -32.19 -30.44 11.80
CA GLN A 176 -33.61 -30.46 12.17
C GLN A 176 -34.08 -29.06 12.61
N PRO A 177 -34.28 -28.11 11.67
CA PRO A 177 -34.72 -26.75 12.07
C PRO A 177 -36.09 -26.73 12.70
N ASP A 178 -36.33 -25.75 13.58
CA ASP A 178 -37.65 -25.60 14.19
C ASP A 178 -38.66 -25.06 13.15
N LEU A 179 -38.20 -24.28 12.14
CA LEU A 179 -39.00 -23.77 11.01
C LEU A 179 -38.19 -23.71 9.71
N ARG A 180 -38.86 -23.95 8.56
CA ARG A 180 -38.31 -23.83 7.20
C ARG A 180 -39.07 -22.72 6.52
N LEU A 181 -38.38 -21.64 6.16
CA LEU A 181 -39.06 -20.51 5.56
C LEU A 181 -38.85 -20.51 4.06
N ARG A 182 -39.96 -20.67 3.32
CA ARG A 182 -39.96 -20.72 1.85
C ARG A 182 -40.37 -19.37 1.24
N GLY A 183 -39.90 -19.16 0.01
CA GLY A 183 -40.14 -17.95 -0.77
C GLY A 183 -38.99 -17.61 -1.71
N HIS A 184 -37.76 -18.01 -1.34
CA HIS A 184 -36.58 -17.74 -2.16
C HIS A 184 -36.29 -18.89 -3.09
N GLN A 185 -35.60 -18.58 -4.19
CA GLN A 185 -35.19 -19.49 -5.24
C GLN A 185 -33.69 -19.73 -5.23
N LYS A 186 -32.94 -18.90 -4.45
CA LYS A 186 -31.47 -18.94 -4.36
C LYS A 186 -30.99 -18.57 -2.95
N GLU A 187 -29.69 -18.81 -2.67
CA GLU A 187 -29.07 -18.45 -1.39
C GLU A 187 -28.90 -16.91 -1.28
N GLY A 188 -28.59 -16.45 -0.08
CA GLY A 188 -28.38 -15.03 0.17
C GLY A 188 -27.58 -14.80 1.43
N TYR A 189 -27.41 -13.52 1.78
CA TYR A 189 -26.70 -13.12 2.98
C TYR A 189 -27.59 -12.25 3.87
N GLY A 190 -28.27 -11.25 3.29
CA GLY A 190 -29.15 -10.36 4.02
C GLY A 190 -30.16 -11.07 4.92
N LEU A 191 -30.25 -10.63 6.18
CA LEU A 191 -31.15 -11.22 7.20
C LEU A 191 -31.39 -10.20 8.31
N SER A 192 -32.67 -9.83 8.58
CA SER A 192 -32.97 -8.81 9.59
C SER A 192 -34.31 -9.07 10.27
N TRP A 193 -34.30 -9.14 11.63
CA TRP A 193 -35.46 -9.32 12.51
C TRP A 193 -36.06 -7.98 12.87
N ASN A 194 -37.40 -7.81 12.86
CA ASN A 194 -38.01 -6.53 13.24
C ASN A 194 -37.89 -6.30 14.75
N PRO A 195 -37.25 -5.19 15.19
CA PRO A 195 -37.11 -4.99 16.64
C PRO A 195 -38.38 -4.49 17.33
N ASN A 196 -39.40 -4.03 16.56
CA ASN A 196 -40.64 -3.49 17.14
C ASN A 196 -41.86 -4.37 16.83
N LEU A 197 -41.71 -5.32 15.90
CA LEU A 197 -42.75 -6.23 15.48
C LEU A 197 -42.25 -7.68 15.61
N ASN A 198 -42.71 -8.39 16.67
CA ASN A 198 -42.27 -9.76 17.00
C ASN A 198 -42.49 -10.75 15.87
N GLY A 199 -41.42 -11.46 15.55
CA GLY A 199 -41.40 -12.54 14.58
C GLY A 199 -41.31 -12.17 13.12
N TYR A 200 -41.24 -10.85 12.81
CA TYR A 200 -41.16 -10.37 11.43
C TYR A 200 -39.72 -10.38 10.92
N LEU A 201 -39.43 -11.31 10.01
CA LEU A 201 -38.10 -11.53 9.49
C LEU A 201 -37.98 -11.22 8.00
N LEU A 202 -36.94 -10.45 7.66
CA LEU A 202 -36.62 -10.12 6.27
C LEU A 202 -35.40 -10.87 5.81
N SER A 203 -35.36 -11.22 4.52
CA SER A 203 -34.24 -11.92 3.96
C SER A 203 -33.99 -11.47 2.52
N ALA A 204 -32.73 -11.27 2.14
CA ALA A 204 -32.30 -10.87 0.80
C ALA A 204 -31.66 -12.07 0.10
N SER A 205 -31.83 -12.19 -1.22
CA SER A 205 -31.31 -13.34 -1.98
C SER A 205 -30.74 -12.99 -3.37
N ASP A 206 -29.88 -13.90 -3.89
CA ASP A 206 -29.24 -13.83 -5.20
C ASP A 206 -30.27 -13.91 -6.36
N ASP A 207 -31.52 -14.32 -6.01
CA ASP A 207 -32.70 -14.47 -6.89
C ASP A 207 -33.36 -13.08 -7.19
N HIS A 208 -32.86 -11.97 -6.56
CA HIS A 208 -33.21 -10.53 -6.69
C HIS A 208 -34.41 -10.12 -5.79
N THR A 209 -34.81 -11.00 -4.88
CA THR A 209 -35.97 -10.72 -4.04
C THR A 209 -35.62 -10.52 -2.58
N ILE A 210 -36.57 -9.94 -1.88
CA ILE A 210 -36.60 -9.75 -0.44
C ILE A 210 -37.83 -10.48 0.03
N CYS A 211 -37.67 -11.43 0.95
CA CYS A 211 -38.82 -12.15 1.52
C CYS A 211 -39.10 -11.68 2.91
N LEU A 212 -40.39 -11.61 3.24
CA LEU A 212 -40.87 -11.28 4.57
C LEU A 212 -41.68 -12.46 5.10
N TRP A 213 -41.44 -12.85 6.35
CA TRP A 213 -42.17 -13.89 7.08
C TRP A 213 -42.55 -13.40 8.45
N ASP A 214 -43.70 -13.86 8.93
CA ASP A 214 -44.15 -13.73 10.30
C ASP A 214 -44.00 -15.15 10.85
N ILE A 215 -42.96 -15.39 11.66
CA ILE A 215 -42.67 -16.74 12.15
C ILE A 215 -43.72 -17.24 13.16
N ASN A 216 -44.66 -16.35 13.56
CA ASN A 216 -45.76 -16.62 14.47
C ASN A 216 -46.97 -17.23 13.73
N ALA A 217 -46.95 -17.18 12.37
CA ALA A 217 -47.98 -17.77 11.51
C ALA A 217 -48.00 -19.27 11.68
N THR A 218 -49.19 -19.89 11.52
CA THR A 218 -49.37 -21.33 11.66
C THR A 218 -48.55 -22.04 10.57
N PRO A 219 -47.54 -22.85 10.97
CA PRO A 219 -46.71 -23.53 9.97
C PRO A 219 -47.52 -24.61 9.26
N LYS A 220 -46.95 -25.17 8.20
CA LYS A 220 -47.57 -26.21 7.43
C LYS A 220 -46.49 -27.24 7.15
N GLU A 221 -46.87 -28.42 6.59
CA GLU A 221 -46.01 -29.55 6.22
C GLU A 221 -44.95 -29.82 7.28
N HIS A 222 -43.65 -29.73 6.90
CA HIS A 222 -42.44 -29.88 7.71
C HIS A 222 -42.00 -28.53 8.32
N ARG A 223 -42.89 -27.93 9.16
CA ARG A 223 -42.78 -26.63 9.86
C ARG A 223 -42.46 -25.48 8.85
N VAL A 224 -43.00 -25.61 7.62
CA VAL A 224 -42.76 -24.72 6.50
C VAL A 224 -43.73 -23.53 6.48
N ILE A 225 -43.18 -22.29 6.56
CA ILE A 225 -43.96 -21.06 6.47
C ILE A 225 -43.63 -20.37 5.16
N ASP A 226 -44.67 -20.06 4.36
CA ASP A 226 -44.48 -19.36 3.09
C ASP A 226 -44.38 -17.87 3.35
N ALA A 227 -43.57 -17.18 2.53
CA ALA A 227 -43.34 -15.75 2.58
C ALA A 227 -44.66 -14.97 2.60
N LYS A 228 -44.84 -14.09 3.61
CA LYS A 228 -46.00 -13.21 3.76
C LYS A 228 -46.03 -12.23 2.54
N ASN A 229 -44.85 -11.71 2.16
CA ASN A 229 -44.63 -10.79 1.05
C ASN A 229 -43.27 -11.03 0.41
N ILE A 230 -43.16 -10.69 -0.88
CA ILE A 230 -41.94 -10.78 -1.67
C ILE A 230 -41.78 -9.44 -2.35
N PHE A 231 -40.66 -8.76 -2.09
CA PHE A 231 -40.38 -7.44 -2.65
C PHE A 231 -39.42 -7.63 -3.81
N THR A 232 -39.88 -7.20 -5.01
CA THR A 232 -39.21 -7.43 -6.30
C THR A 232 -38.70 -6.16 -6.99
N GLY A 233 -38.45 -5.10 -6.21
CA GLY A 233 -37.94 -3.85 -6.75
C GLY A 233 -36.58 -3.93 -7.43
N HIS A 234 -35.66 -4.73 -6.88
CA HIS A 234 -34.29 -4.84 -7.41
C HIS A 234 -34.26 -5.67 -8.70
N THR A 235 -33.28 -5.38 -9.54
CA THR A 235 -33.06 -6.01 -10.84
C THR A 235 -31.73 -6.78 -10.87
N ALA A 236 -31.14 -7.00 -9.67
CA ALA A 236 -29.89 -7.72 -9.44
C ALA A 236 -29.87 -8.33 -8.02
N VAL A 237 -28.84 -9.16 -7.73
CA VAL A 237 -28.60 -9.81 -6.44
C VAL A 237 -28.82 -8.83 -5.29
N VAL A 238 -29.74 -9.12 -4.35
CA VAL A 238 -29.97 -8.25 -3.18
C VAL A 238 -28.95 -8.71 -2.12
N GLU A 239 -28.01 -7.81 -1.77
CA GLU A 239 -26.92 -8.13 -0.84
C GLU A 239 -27.34 -8.04 0.61
N ASP A 240 -28.20 -7.07 0.97
CA ASP A 240 -28.59 -6.92 2.38
C ASP A 240 -29.98 -6.27 2.56
N VAL A 241 -30.56 -6.51 3.74
CA VAL A 241 -31.84 -5.97 4.21
C VAL A 241 -31.67 -5.52 5.65
N ALA A 242 -32.38 -4.46 6.03
CA ALA A 242 -32.33 -3.96 7.39
C ALA A 242 -33.59 -3.23 7.73
N TRP A 243 -34.26 -3.66 8.82
CA TRP A 243 -35.44 -2.97 9.33
C TRP A 243 -34.99 -1.65 9.93
N HIS A 244 -35.81 -0.61 9.79
CA HIS A 244 -35.55 0.65 10.46
C HIS A 244 -35.70 0.32 11.94
N LEU A 245 -34.89 0.91 12.82
CA LEU A 245 -34.94 0.52 14.23
C LEU A 245 -36.15 1.11 15.03
N LEU A 246 -36.88 2.10 14.48
CA LEU A 246 -38.02 2.77 15.13
C LEU A 246 -39.36 2.62 14.36
N HIS A 247 -39.37 2.71 13.02
CA HIS A 247 -40.60 2.52 12.28
C HIS A 247 -40.71 1.05 11.87
N GLU A 248 -41.65 0.32 12.51
CA GLU A 248 -41.88 -1.11 12.32
C GLU A 248 -42.29 -1.50 10.87
N SER A 249 -42.76 -0.52 10.08
CA SER A 249 -43.22 -0.71 8.70
C SER A 249 -42.14 -0.36 7.68
N LEU A 250 -41.07 0.29 8.12
CA LEU A 250 -39.97 0.79 7.30
C LEU A 250 -38.71 -0.10 7.33
N PHE A 251 -38.18 -0.42 6.13
CA PHE A 251 -36.96 -1.17 5.96
C PHE A 251 -36.22 -0.70 4.70
N GLY A 252 -34.94 -1.06 4.64
CA GLY A 252 -34.06 -0.69 3.55
C GLY A 252 -33.40 -1.89 2.92
N SER A 253 -33.12 -1.81 1.61
CA SER A 253 -32.44 -2.91 0.91
C SER A 253 -31.38 -2.36 0.00
N VAL A 254 -30.35 -3.16 -0.25
CA VAL A 254 -29.20 -2.78 -1.09
C VAL A 254 -28.84 -3.95 -2.03
N ALA A 255 -28.54 -3.65 -3.31
CA ALA A 255 -28.27 -4.70 -4.28
C ALA A 255 -27.09 -4.42 -5.22
N ASP A 256 -26.83 -5.38 -6.12
CA ASP A 256 -25.79 -5.30 -7.15
C ASP A 256 -26.17 -4.35 -8.27
N ASP A 257 -27.43 -3.87 -8.26
CA ASP A 257 -27.95 -2.92 -9.23
C ASP A 257 -27.53 -1.48 -8.85
N GLN A 258 -26.61 -1.34 -7.85
CA GLN A 258 -26.02 -0.09 -7.33
C GLN A 258 -27.04 0.77 -6.56
N LYS A 259 -28.23 0.22 -6.25
CA LYS A 259 -29.28 1.01 -5.56
C LYS A 259 -29.49 0.63 -4.10
N LEU A 260 -29.92 1.65 -3.34
CA LEU A 260 -30.42 1.59 -1.98
C LEU A 260 -31.92 1.85 -2.10
N MET A 261 -32.74 0.96 -1.57
CA MET A 261 -34.19 1.17 -1.67
C MET A 261 -34.82 1.21 -0.29
N ILE A 262 -35.81 2.08 -0.13
CA ILE A 262 -36.53 2.24 1.12
C ILE A 262 -37.95 1.75 0.89
N TRP A 263 -38.38 0.80 1.73
CA TRP A 263 -39.69 0.19 1.62
C TRP A 263 -40.57 0.44 2.83
N ASP A 264 -41.90 0.55 2.59
CA ASP A 264 -42.96 0.66 3.58
C ASP A 264 -43.91 -0.53 3.35
N THR A 265 -44.02 -1.40 4.36
CA THR A 265 -44.89 -2.59 4.33
C THR A 265 -46.38 -2.22 4.31
N ARG A 266 -46.73 -0.96 4.68
CA ARG A 266 -48.10 -0.48 4.69
C ARG A 266 -48.64 -0.29 3.25
N ASN A 267 -47.74 -0.04 2.27
CA ASN A 267 -48.12 0.07 0.86
C ASN A 267 -48.46 -1.30 0.30
N ASN A 268 -49.37 -1.37 -0.68
CA ASN A 268 -49.76 -2.66 -1.26
C ASN A 268 -48.89 -3.07 -2.48
N ASN A 269 -48.05 -2.13 -3.01
CA ASN A 269 -47.15 -2.39 -4.14
C ASN A 269 -45.79 -2.86 -3.59
N THR A 270 -45.53 -4.17 -3.71
CA THR A 270 -44.30 -4.80 -3.25
C THR A 270 -43.30 -4.92 -4.41
N SER A 271 -43.57 -4.26 -5.54
CA SER A 271 -42.65 -4.25 -6.68
C SER A 271 -42.01 -2.88 -6.84
N LYS A 272 -42.55 -1.86 -6.14
CA LYS A 272 -42.06 -0.49 -6.19
C LYS A 272 -41.78 0.04 -4.77
N PRO A 273 -40.52 0.40 -4.46
CA PRO A 273 -40.23 0.97 -3.14
C PRO A 273 -40.69 2.41 -3.01
N SER A 274 -40.78 2.93 -1.78
CA SER A 274 -41.12 4.33 -1.51
C SER A 274 -40.05 5.25 -2.11
N HIS A 275 -38.77 4.83 -2.03
CA HIS A 275 -37.63 5.56 -2.54
C HIS A 275 -36.59 4.64 -3.16
N THR A 276 -35.99 5.08 -4.27
CA THR A 276 -34.86 4.44 -4.93
C THR A 276 -33.76 5.45 -4.92
N VAL A 277 -32.60 5.05 -4.39
CA VAL A 277 -31.44 5.92 -4.30
C VAL A 277 -30.33 5.32 -5.16
N ASP A 278 -29.76 6.14 -6.03
CA ASP A 278 -28.61 5.72 -6.82
C ASP A 278 -27.45 5.99 -5.88
N ALA A 279 -27.16 4.97 -5.06
CA ALA A 279 -26.27 5.04 -3.91
C ALA A 279 -24.77 4.97 -4.20
N HIS A 280 -24.36 4.10 -5.13
CA HIS A 280 -22.95 3.88 -5.39
C HIS A 280 -22.65 3.63 -6.87
N THR A 281 -21.36 3.68 -7.24
CA THR A 281 -20.87 3.47 -8.61
C THR A 281 -20.52 1.98 -8.86
N ALA A 282 -20.83 1.10 -7.87
CA ALA A 282 -20.64 -0.36 -7.93
C ALA A 282 -21.66 -1.05 -7.00
N GLU A 283 -21.61 -2.39 -6.88
CA GLU A 283 -22.49 -3.20 -6.02
C GLU A 283 -22.58 -2.62 -4.60
N VAL A 284 -23.78 -2.64 -4.00
CA VAL A 284 -24.01 -2.17 -2.63
C VAL A 284 -24.22 -3.42 -1.80
N ASN A 285 -23.28 -3.68 -0.87
CA ASN A 285 -23.24 -4.93 -0.09
C ASN A 285 -23.86 -4.92 1.30
N CYS A 286 -23.98 -3.76 1.91
CA CYS A 286 -24.47 -3.69 3.29
C CYS A 286 -25.08 -2.34 3.57
N LEU A 287 -25.90 -2.31 4.61
CA LEU A 287 -26.54 -1.11 5.15
C LEU A 287 -26.77 -1.31 6.64
N SER A 288 -26.84 -0.19 7.37
CA SER A 288 -27.06 -0.21 8.80
C SER A 288 -27.67 1.13 9.22
N PHE A 289 -28.79 1.08 9.96
CA PHE A 289 -29.46 2.27 10.49
C PHE A 289 -28.79 2.73 11.76
N ASN A 290 -28.68 4.06 11.93
CA ASN A 290 -28.09 4.67 13.13
C ASN A 290 -29.00 4.38 14.30
N PRO A 291 -28.49 3.84 15.43
CA PRO A 291 -29.42 3.43 16.51
C PRO A 291 -29.95 4.59 17.34
N TYR A 292 -29.37 5.79 17.17
CA TYR A 292 -29.71 7.01 17.89
C TYR A 292 -30.41 8.11 17.04
N SER A 293 -30.24 8.12 15.69
CA SER A 293 -30.88 9.08 14.79
C SER A 293 -31.72 8.32 13.79
N GLU A 294 -33.06 8.56 13.83
CA GLU A 294 -34.05 7.84 13.00
C GLU A 294 -33.95 8.12 11.50
N PHE A 295 -33.24 9.19 11.10
CA PHE A 295 -33.08 9.58 9.69
C PHE A 295 -31.72 9.18 9.09
N ILE A 296 -30.68 8.91 9.93
CA ILE A 296 -29.34 8.57 9.46
C ILE A 296 -29.19 7.09 9.24
N LEU A 297 -28.56 6.76 8.12
CA LEU A 297 -28.33 5.41 7.65
C LEU A 297 -26.96 5.36 6.90
N ALA A 298 -26.37 4.18 6.79
CA ALA A 298 -25.09 4.03 6.12
C ALA A 298 -25.14 2.87 5.15
N THR A 299 -24.43 2.97 4.02
CA THR A 299 -24.30 1.85 3.08
C THR A 299 -22.82 1.62 2.73
N GLY A 300 -22.44 0.36 2.52
CA GLY A 300 -21.10 -0.04 2.13
C GLY A 300 -21.08 -0.59 0.73
N SER A 301 -20.03 -0.29 -0.05
CA SER A 301 -20.02 -0.72 -1.45
C SER A 301 -18.72 -1.34 -1.97
N ALA A 302 -18.84 -1.93 -3.18
CA ALA A 302 -17.74 -2.47 -3.97
C ALA A 302 -16.86 -1.31 -4.51
N ASP A 303 -17.40 -0.07 -4.51
CA ASP A 303 -16.68 1.13 -4.94
C ASP A 303 -15.66 1.60 -3.85
N LYS A 304 -15.51 0.79 -2.77
CA LYS A 304 -14.58 0.96 -1.65
C LYS A 304 -14.97 2.13 -0.72
N THR A 305 -16.25 2.59 -0.81
CA THR A 305 -16.72 3.68 0.06
C THR A 305 -17.91 3.27 0.94
N VAL A 306 -18.08 4.01 2.03
CA VAL A 306 -19.21 3.94 2.95
C VAL A 306 -19.93 5.27 2.75
N ALA A 307 -21.21 5.23 2.38
CA ALA A 307 -22.01 6.43 2.17
C ALA A 307 -22.93 6.68 3.35
N LEU A 308 -23.12 7.96 3.68
CA LEU A 308 -24.01 8.38 4.75
C LEU A 308 -25.25 8.98 4.12
N TRP A 309 -26.44 8.59 4.63
CA TRP A 309 -27.74 9.03 4.10
C TRP A 309 -28.66 9.58 5.15
N ASP A 310 -29.46 10.59 4.74
CA ASP A 310 -30.53 11.21 5.52
C ASP A 310 -31.80 10.88 4.79
N LEU A 311 -32.73 10.22 5.47
CA LEU A 311 -34.00 9.81 4.91
C LEU A 311 -34.85 11.01 4.50
N ARG A 312 -34.60 12.17 5.10
CA ARG A 312 -35.28 13.44 4.80
C ARG A 312 -34.81 14.06 3.45
N ASN A 313 -33.65 13.66 2.91
CA ASN A 313 -33.16 14.11 1.60
C ASN A 313 -32.19 13.08 1.02
N LEU A 314 -32.76 11.99 0.47
CA LEU A 314 -32.00 10.85 -0.05
C LEU A 314 -31.42 11.09 -1.43
N LYS A 315 -31.74 12.24 -2.03
CA LYS A 315 -31.30 12.63 -3.36
C LYS A 315 -29.85 13.13 -3.33
N LEU A 316 -29.44 13.67 -2.19
CA LEU A 316 -28.09 14.14 -1.93
C LEU A 316 -27.39 13.27 -0.84
N LYS A 317 -26.16 12.78 -1.12
CA LYS A 317 -25.40 11.93 -0.19
C LYS A 317 -24.71 12.80 0.86
N LEU A 318 -24.93 12.52 2.16
CA LEU A 318 -24.35 13.30 3.28
C LEU A 318 -22.83 13.35 3.29
N HIS A 319 -22.19 12.19 3.10
CA HIS A 319 -20.74 12.09 3.15
C HIS A 319 -20.31 10.74 2.59
N SER A 320 -19.06 10.66 2.15
CA SER A 320 -18.47 9.44 1.64
C SER A 320 -17.19 9.13 2.45
N PHE A 321 -17.12 7.95 3.04
CA PHE A 321 -15.98 7.58 3.86
C PHE A 321 -15.03 6.81 2.99
N GLU A 322 -13.92 7.43 2.64
CA GLU A 322 -12.92 6.87 1.74
C GLU A 322 -11.65 6.58 2.52
N SER A 323 -11.09 5.38 2.30
CA SER A 323 -9.85 4.88 2.90
C SER A 323 -9.73 3.34 2.79
N HIS A 324 -10.85 2.63 2.53
CA HIS A 324 -10.83 1.18 2.31
C HIS A 324 -10.14 0.92 0.95
N LYS A 325 -9.23 -0.06 0.90
CA LYS A 325 -8.42 -0.36 -0.29
C LYS A 325 -9.05 -1.49 -1.15
N ASP A 326 -10.23 -1.99 -0.74
CA ASP A 326 -10.96 -3.00 -1.49
C ASP A 326 -12.45 -2.96 -1.11
N GLU A 327 -13.27 -3.81 -1.77
CA GLU A 327 -14.72 -3.96 -1.62
C GLU A 327 -15.11 -4.03 -0.13
N ILE A 328 -16.16 -3.31 0.27
CA ILE A 328 -16.67 -3.30 1.65
C ILE A 328 -17.86 -4.26 1.73
N PHE A 329 -17.91 -5.12 2.75
CA PHE A 329 -18.99 -6.08 2.86
C PHE A 329 -19.86 -5.92 4.12
N GLN A 330 -19.34 -5.26 5.16
CA GLN A 330 -20.09 -5.08 6.38
C GLN A 330 -19.93 -3.67 6.93
N VAL A 331 -21.05 -3.11 7.42
CA VAL A 331 -21.15 -1.80 8.08
C VAL A 331 -22.04 -2.01 9.34
N GLN A 332 -21.60 -1.50 10.47
CA GLN A 332 -22.30 -1.62 11.76
C GLN A 332 -22.03 -0.36 12.57
N TRP A 333 -23.10 0.28 13.04
CA TRP A 333 -22.99 1.44 13.93
C TRP A 333 -22.68 0.96 15.33
N SER A 334 -21.99 1.80 16.11
CA SER A 334 -21.71 1.50 17.53
C SER A 334 -23.01 1.48 18.34
N PRO A 335 -23.22 0.44 19.17
CA PRO A 335 -24.46 0.42 19.98
C PRO A 335 -24.44 1.45 21.10
N HIS A 336 -23.28 2.06 21.39
CA HIS A 336 -23.09 2.97 22.50
C HIS A 336 -22.85 4.42 22.12
N ASN A 337 -22.26 4.69 20.94
CA ASN A 337 -21.94 6.06 20.52
C ASN A 337 -22.51 6.34 19.14
N GLU A 338 -23.42 7.32 19.08
CA GLU A 338 -24.20 7.78 17.92
C GLU A 338 -23.35 8.22 16.71
N THR A 339 -22.11 8.71 16.93
CA THR A 339 -21.24 9.19 15.84
C THR A 339 -20.24 8.12 15.33
N ILE A 340 -20.27 6.92 15.94
CA ILE A 340 -19.34 5.83 15.64
C ILE A 340 -19.99 4.70 14.83
N LEU A 341 -19.30 4.31 13.75
CA LEU A 341 -19.63 3.19 12.91
C LEU A 341 -18.33 2.54 12.45
N ALA A 342 -18.43 1.27 12.09
CA ALA A 342 -17.31 0.51 11.61
C ALA A 342 -17.67 -0.17 10.33
N SER A 343 -16.64 -0.43 9.51
CA SER A 343 -16.77 -1.10 8.24
C SER A 343 -15.64 -2.11 8.08
N SER A 344 -15.91 -3.21 7.37
CA SER A 344 -14.94 -4.27 7.10
C SER A 344 -15.12 -4.80 5.69
N GLY A 345 -14.08 -5.40 5.14
CA GLY A 345 -14.15 -5.97 3.79
C GLY A 345 -13.01 -6.88 3.41
N THR A 346 -12.79 -6.98 2.10
CA THR A 346 -11.78 -7.84 1.48
C THR A 346 -10.34 -7.30 1.67
N ASP A 347 -10.17 -6.01 2.00
CA ASP A 347 -8.82 -5.44 2.20
C ASP A 347 -8.20 -5.91 3.55
N ARG A 348 -8.84 -6.89 4.23
CA ARG A 348 -8.45 -7.51 5.52
C ARG A 348 -8.42 -6.52 6.69
N ARG A 349 -8.97 -5.31 6.50
CA ARG A 349 -9.00 -4.30 7.55
C ARG A 349 -10.43 -4.02 8.02
N LEU A 350 -10.51 -3.51 9.24
CA LEU A 350 -11.73 -3.05 9.89
C LEU A 350 -11.46 -1.61 10.30
N HIS A 351 -12.17 -0.64 9.66
CA HIS A 351 -12.04 0.80 9.98
C HIS A 351 -13.15 1.20 10.93
N VAL A 352 -12.84 2.10 11.85
CA VAL A 352 -13.79 2.69 12.78
C VAL A 352 -13.82 4.17 12.44
N TRP A 353 -15.02 4.68 12.14
CA TRP A 353 -15.21 6.08 11.77
C TRP A 353 -15.91 6.88 12.87
N ASP A 354 -15.59 8.19 12.94
CA ASP A 354 -16.21 9.13 13.87
C ASP A 354 -16.79 10.29 13.08
N LEU A 355 -18.12 10.35 13.02
CA LEU A 355 -18.85 11.40 12.31
C LEU A 355 -18.51 12.80 12.80
N SER A 356 -18.26 12.96 14.11
CA SER A 356 -17.97 14.26 14.75
C SER A 356 -16.62 14.85 14.27
N LYS A 357 -15.75 14.03 13.69
CA LYS A 357 -14.43 14.48 13.21
C LYS A 357 -14.44 14.85 11.70
N ILE A 358 -15.62 14.75 11.03
CA ILE A 358 -15.75 15.15 9.62
C ILE A 358 -15.54 16.67 9.51
N GLY A 359 -14.70 17.06 8.55
CA GLY A 359 -14.37 18.46 8.28
C GLY A 359 -13.48 19.14 9.30
N GLU A 360 -12.79 18.35 10.15
CA GLU A 360 -11.87 18.88 11.15
C GLU A 360 -10.55 19.21 10.52
N GLU A 361 -9.83 20.11 11.16
CA GLU A 361 -8.51 20.54 10.73
C GLU A 361 -7.50 19.48 11.16
N GLN A 362 -6.55 19.15 10.26
CA GLN A 362 -5.45 18.22 10.56
C GLN A 362 -4.12 18.82 10.22
N SER A 363 -3.09 18.49 11.02
CA SER A 363 -1.72 18.87 10.74
C SER A 363 -1.26 18.02 9.55
N THR A 364 -0.43 18.61 8.65
CA THR A 364 0.09 17.96 7.42
C THR A 364 0.58 16.51 7.68
N GLU A 365 1.13 16.24 8.89
CA GLU A 365 1.64 14.94 9.32
C GLU A 365 0.49 13.95 9.64
N ASP A 366 -0.61 14.43 10.25
CA ASP A 366 -1.80 13.63 10.59
C ASP A 366 -2.61 13.33 9.31
N ALA A 367 -2.66 14.32 8.39
CA ALA A 367 -3.39 14.31 7.11
C ALA A 367 -2.96 13.20 6.16
N GLU A 368 -1.67 12.85 6.17
CA GLU A 368 -1.14 11.81 5.28
C GLU A 368 -1.56 10.38 5.73
N ASP A 369 -1.94 10.21 7.02
CA ASP A 369 -2.38 8.93 7.58
C ASP A 369 -3.85 8.58 7.25
N GLY A 370 -4.63 9.57 6.85
CA GLY A 370 -6.03 9.38 6.49
C GLY A 370 -6.92 10.54 6.81
N PRO A 371 -8.26 10.42 6.55
CA PRO A 371 -9.15 11.54 6.87
C PRO A 371 -9.36 11.68 8.39
N PRO A 372 -9.75 12.88 8.90
CA PRO A 372 -9.93 13.03 10.37
C PRO A 372 -11.03 12.14 10.92
N GLU A 373 -12.07 11.83 10.12
CA GLU A 373 -13.17 10.93 10.49
C GLU A 373 -12.73 9.47 10.71
N LEU A 374 -11.57 9.06 10.17
CA LEU A 374 -11.08 7.69 10.42
C LEU A 374 -10.43 7.65 11.79
N LEU A 375 -11.09 6.99 12.76
CA LEU A 375 -10.63 6.94 14.16
C LEU A 375 -9.60 5.82 14.42
N PHE A 376 -9.76 4.65 13.78
CA PHE A 376 -8.93 3.49 14.00
C PHE A 376 -8.98 2.48 12.87
N ILE A 377 -7.85 1.84 12.62
CA ILE A 377 -7.70 0.77 11.65
C ILE A 377 -7.28 -0.43 12.43
N HIS A 378 -8.05 -1.52 12.31
CA HIS A 378 -7.74 -2.79 12.94
C HIS A 378 -7.03 -3.67 11.91
N GLY A 379 -5.75 -3.94 12.15
CA GLY A 379 -4.95 -4.78 11.25
C GLY A 379 -4.62 -6.15 11.79
N GLY A 380 -5.43 -6.66 12.72
CA GLY A 380 -5.22 -7.98 13.35
C GLY A 380 -5.40 -9.20 12.47
N HIS A 381 -6.24 -9.10 11.42
CA HIS A 381 -6.55 -10.17 10.49
C HIS A 381 -5.59 -10.16 9.29
N THR A 382 -5.17 -11.37 8.86
CA THR A 382 -4.27 -11.58 7.71
C THR A 382 -5.06 -12.14 6.51
N ALA A 383 -6.41 -12.17 6.62
CA ALA A 383 -7.33 -12.62 5.57
C ALA A 383 -8.65 -11.78 5.55
N LYS A 384 -9.44 -11.91 4.46
CA LYS A 384 -10.73 -11.22 4.26
C LYS A 384 -11.62 -11.34 5.51
N ILE A 385 -12.16 -10.19 6.02
CA ILE A 385 -13.07 -10.20 7.19
C ILE A 385 -14.50 -10.53 6.70
N SER A 386 -15.04 -11.67 7.17
CA SER A 386 -16.37 -12.14 6.77
C SER A 386 -17.50 -11.43 7.51
N ASP A 387 -17.35 -11.22 8.81
CA ASP A 387 -18.33 -10.55 9.64
C ASP A 387 -17.66 -10.01 10.89
N PHE A 388 -18.37 -9.13 11.59
CA PHE A 388 -17.97 -8.52 12.84
C PHE A 388 -19.21 -8.07 13.60
N SER A 389 -19.08 -7.90 14.93
CA SER A 389 -20.18 -7.52 15.81
C SER A 389 -19.67 -6.70 16.99
N TRP A 390 -20.32 -5.58 17.27
CA TRP A 390 -20.00 -4.74 18.43
C TRP A 390 -20.59 -5.39 19.66
N ASN A 391 -19.80 -5.54 20.75
CA ASN A 391 -20.34 -6.11 22.01
C ASN A 391 -21.41 -5.14 22.56
N PRO A 392 -22.67 -5.59 22.80
CA PRO A 392 -23.71 -4.63 23.25
C PRO A 392 -23.60 -4.25 24.72
N ASN A 393 -22.86 -5.02 25.53
CA ASN A 393 -22.76 -4.73 26.96
C ASN A 393 -21.48 -4.02 27.36
N GLU A 394 -20.37 -4.28 26.65
CA GLU A 394 -19.09 -3.64 26.91
C GLU A 394 -18.73 -2.69 25.76
N PRO A 395 -18.67 -1.37 26.01
CA PRO A 395 -18.36 -0.44 24.91
C PRO A 395 -16.98 -0.65 24.31
N TRP A 396 -16.85 -0.41 23.00
CA TRP A 396 -15.62 -0.48 22.19
C TRP A 396 -15.07 -1.90 22.00
N ILE A 397 -15.79 -2.94 22.42
CA ILE A 397 -15.32 -4.31 22.21
C ILE A 397 -15.93 -4.85 20.92
N ILE A 398 -15.10 -5.39 20.02
CA ILE A 398 -15.57 -5.95 18.75
C ILE A 398 -15.13 -7.38 18.61
N CYS A 399 -15.94 -8.19 17.95
CA CYS A 399 -15.57 -9.51 17.52
C CYS A 399 -15.61 -9.53 15.99
N SER A 400 -14.48 -9.87 15.38
CA SER A 400 -14.34 -10.00 13.93
C SER A 400 -13.82 -11.41 13.60
N VAL A 401 -14.35 -11.99 12.53
CA VAL A 401 -14.04 -13.34 12.04
C VAL A 401 -13.50 -13.23 10.62
N SER A 402 -12.43 -13.95 10.28
CA SER A 402 -11.85 -13.89 8.93
C SER A 402 -11.88 -15.25 8.24
N GLU A 403 -11.62 -15.25 6.94
CA GLU A 403 -11.64 -16.42 6.09
C GLU A 403 -10.57 -17.49 6.43
N ASP A 404 -9.54 -17.13 7.23
CA ASP A 404 -8.47 -18.04 7.65
C ASP A 404 -8.75 -18.72 9.03
N ASN A 405 -10.04 -18.76 9.46
CA ASN A 405 -10.53 -19.41 10.70
C ASN A 405 -10.34 -18.57 11.99
N ILE A 406 -9.58 -17.46 11.94
CA ILE A 406 -9.34 -16.60 13.12
C ILE A 406 -10.59 -15.82 13.54
N MET A 407 -10.79 -15.72 14.86
CA MET A 407 -11.81 -14.88 15.46
C MET A 407 -11.10 -14.06 16.52
N GLN A 408 -11.24 -12.75 16.42
CA GLN A 408 -10.60 -11.83 17.35
C GLN A 408 -11.63 -11.06 18.13
N VAL A 409 -11.48 -11.06 19.44
CA VAL A 409 -12.25 -10.22 20.36
C VAL A 409 -11.24 -9.16 20.80
N TRP A 410 -11.50 -7.90 20.44
CA TRP A 410 -10.54 -6.85 20.71
C TRP A 410 -11.23 -5.54 21.06
N GLN A 411 -10.46 -4.64 21.64
CA GLN A 411 -10.93 -3.33 22.07
C GLN A 411 -9.80 -2.36 21.91
N MET A 412 -10.03 -1.26 21.20
CA MET A 412 -8.99 -0.25 21.00
C MET A 412 -8.68 0.46 22.33
N ALA A 413 -7.46 0.99 22.46
CA ALA A 413 -7.00 1.71 23.64
C ALA A 413 -7.86 2.93 23.90
N GLU A 414 -8.18 3.19 25.18
CA GLU A 414 -9.02 4.31 25.62
C GLU A 414 -8.52 5.65 25.04
N ASN A 415 -7.21 5.87 25.00
CA ASN A 415 -6.62 7.11 24.48
C ASN A 415 -7.01 7.40 23.01
N VAL A 416 -7.37 6.35 22.22
CA VAL A 416 -7.75 6.50 20.80
C VAL A 416 -9.08 7.28 20.71
N TYR A 417 -10.10 6.89 21.49
CA TYR A 417 -11.39 7.57 21.45
C TYR A 417 -11.52 8.72 22.48
N ASN A 418 -10.57 8.84 23.44
CA ASN A 418 -10.62 9.93 24.42
C ASN A 418 -9.73 11.12 24.00
N ASP A 419 -9.66 12.15 24.89
CA ASP A 419 -8.93 13.43 24.74
C ASP A 419 -9.55 14.27 23.63
N GLU B 14 45.80 20.05 5.86
CA GLU B 14 44.58 20.81 6.14
C GLU B 14 44.31 20.91 7.67
N SER B 15 44.22 19.76 8.35
CA SER B 15 44.02 19.59 9.80
C SER B 15 44.71 18.28 10.23
N PHE B 16 44.95 18.03 11.55
CA PHE B 16 45.56 16.77 11.94
C PHE B 16 44.53 15.64 11.74
N ASP B 17 43.30 15.86 12.24
CA ASP B 17 42.19 14.91 12.12
C ASP B 17 41.88 14.61 10.64
N ASP B 18 42.05 15.60 9.77
CA ASP B 18 41.83 15.46 8.34
C ASP B 18 42.92 14.59 7.72
N ALA B 19 44.19 14.81 8.10
CA ALA B 19 45.37 14.07 7.63
C ALA B 19 45.35 12.62 8.09
N VAL B 20 44.79 12.34 9.27
CA VAL B 20 44.65 10.97 9.78
C VAL B 20 43.64 10.16 8.90
N GLU B 21 42.48 10.77 8.66
CA GLU B 21 41.41 10.20 7.85
C GLU B 21 41.91 9.93 6.45
N GLU B 22 42.64 10.89 5.82
CA GLU B 22 43.22 10.70 4.47
C GLU B 22 44.20 9.54 4.49
N ARG B 23 44.88 9.34 5.61
CA ARG B 23 45.84 8.28 5.70
C ARG B 23 45.17 6.91 5.77
N VAL B 24 44.07 6.79 6.58
CA VAL B 24 43.29 5.55 6.72
C VAL B 24 42.74 5.10 5.35
N ILE B 25 42.23 6.08 4.57
CA ILE B 25 41.65 5.96 3.23
C ILE B 25 42.71 5.45 2.24
N ASN B 26 43.96 5.95 2.31
CA ASN B 26 45.05 5.49 1.45
C ASN B 26 45.49 4.11 1.87
N GLU B 27 45.37 3.76 3.15
CA GLU B 27 45.78 2.45 3.61
C GLU B 27 44.73 1.39 3.22
N GLU B 28 43.44 1.77 3.36
CA GLU B 28 42.31 0.91 3.01
C GLU B 28 42.25 0.69 1.49
N TYR B 29 42.67 1.71 0.70
CA TYR B 29 42.69 1.60 -0.75
C TYR B 29 43.74 0.61 -1.20
N LYS B 30 44.93 0.68 -0.59
CA LYS B 30 46.03 -0.21 -0.91
C LYS B 30 45.59 -1.66 -0.71
N ILE B 31 44.80 -1.93 0.36
CA ILE B 31 44.23 -3.26 0.65
C ILE B 31 43.19 -3.61 -0.40
N TRP B 32 42.28 -2.66 -0.73
CA TRP B 32 41.27 -2.84 -1.77
C TRP B 32 41.96 -3.24 -3.08
N LYS B 33 42.98 -2.47 -3.53
CA LYS B 33 43.71 -2.74 -4.77
C LYS B 33 44.25 -4.17 -4.79
N LYS B 34 44.94 -4.58 -3.72
CA LYS B 34 45.53 -5.91 -3.62
C LYS B 34 44.45 -7.03 -3.61
N ASN B 35 43.23 -6.76 -3.09
CA ASN B 35 42.18 -7.76 -3.01
C ASN B 35 41.17 -7.80 -4.21
N THR B 36 41.37 -6.92 -5.23
CA THR B 36 40.48 -6.83 -6.39
C THR B 36 40.35 -8.16 -7.16
N PRO B 37 41.41 -8.99 -7.37
CA PRO B 37 41.19 -10.26 -8.10
C PRO B 37 40.27 -11.24 -7.36
N PHE B 38 40.00 -11.02 -6.06
CA PHE B 38 39.10 -11.88 -5.30
C PHE B 38 37.64 -11.44 -5.33
N LEU B 39 37.42 -10.13 -5.45
CA LEU B 39 36.09 -9.53 -5.39
C LEU B 39 35.53 -9.15 -6.74
N TYR B 40 36.35 -9.13 -7.80
CA TYR B 40 35.89 -8.63 -9.06
C TYR B 40 36.21 -9.49 -10.24
N ASP B 41 35.33 -9.43 -11.25
CA ASP B 41 35.56 -10.06 -12.54
C ASP B 41 36.10 -9.02 -13.51
N LEU B 42 35.95 -7.72 -13.17
CA LEU B 42 36.38 -6.58 -13.96
C LEU B 42 36.56 -5.34 -13.10
N VAL B 43 37.69 -4.61 -13.30
CA VAL B 43 38.02 -3.32 -12.68
C VAL B 43 38.74 -2.49 -13.73
N MET B 44 38.17 -1.34 -14.09
CA MET B 44 38.73 -0.37 -15.02
C MET B 44 38.75 0.99 -14.34
N THR B 45 39.92 1.59 -14.18
CA THR B 45 40.05 2.90 -13.56
C THR B 45 40.58 3.90 -14.58
N HIS B 46 39.94 5.06 -14.67
CA HIS B 46 40.30 6.13 -15.59
C HIS B 46 40.19 7.50 -14.90
N ALA B 47 41.20 8.35 -15.12
CA ALA B 47 41.22 9.68 -14.50
C ALA B 47 40.81 10.69 -15.54
N LEU B 48 39.66 11.30 -15.32
CA LEU B 48 39.12 12.28 -16.26
C LEU B 48 39.86 13.59 -16.06
N GLU B 49 39.96 14.44 -17.10
CA GLU B 49 40.61 15.76 -17.01
C GLU B 49 40.04 16.54 -15.81
N TRP B 50 38.70 16.54 -15.70
CA TRP B 50 37.94 17.19 -14.62
C TRP B 50 37.02 16.17 -13.96
N PRO B 51 36.58 16.37 -12.69
CA PRO B 51 35.61 15.42 -12.14
C PRO B 51 34.24 15.54 -12.82
N SER B 52 33.53 14.40 -12.93
CA SER B 52 32.15 14.38 -13.44
C SER B 52 31.19 14.23 -12.27
N LEU B 53 30.11 15.04 -12.26
CA LEU B 53 29.03 14.99 -11.25
C LEU B 53 27.93 14.03 -11.69
N THR B 54 28.01 13.57 -12.96
CA THR B 54 26.96 12.75 -13.59
C THR B 54 27.56 11.55 -14.34
N ALA B 55 26.77 10.50 -14.45
CA ALA B 55 27.11 9.28 -15.18
C ALA B 55 25.86 8.56 -15.53
N GLN B 56 25.73 8.22 -16.80
CA GLN B 56 24.60 7.46 -17.30
C GLN B 56 25.01 6.76 -18.58
N TRP B 57 24.83 5.44 -18.60
CA TRP B 57 25.10 4.64 -19.78
C TRP B 57 24.06 4.91 -20.86
N LEU B 58 24.49 5.07 -22.11
CA LEU B 58 23.57 5.18 -23.24
C LEU B 58 23.07 3.76 -23.55
N PRO B 59 21.90 3.56 -24.18
CA PRO B 59 21.41 2.17 -24.28
C PRO B 59 22.03 1.30 -25.37
N ASP B 60 22.77 1.88 -26.31
CA ASP B 60 23.33 1.17 -27.47
C ASP B 60 24.64 0.42 -27.20
N VAL B 61 24.82 -0.73 -27.88
CA VAL B 61 26.03 -1.55 -27.83
C VAL B 61 26.41 -1.95 -29.24
N THR B 62 27.65 -1.59 -29.65
CA THR B 62 28.24 -1.89 -30.95
C THR B 62 29.21 -3.06 -30.79
N LYS B 63 28.81 -4.24 -31.31
CA LYS B 63 29.65 -5.44 -31.26
C LYS B 63 30.48 -5.52 -32.55
N GLN B 64 31.82 -5.38 -32.42
CA GLN B 64 32.72 -5.43 -33.58
C GLN B 64 33.16 -6.88 -33.87
N ASP B 65 33.36 -7.18 -35.15
CA ASP B 65 33.69 -8.50 -35.67
C ASP B 65 35.18 -8.62 -35.91
N GLY B 66 35.70 -9.82 -35.63
CA GLY B 66 37.13 -10.11 -35.64
C GLY B 66 37.71 -9.51 -34.38
N LYS B 67 36.77 -9.22 -33.41
CA LYS B 67 36.93 -8.58 -32.11
C LYS B 67 36.13 -9.34 -31.05
N ASP B 68 36.70 -9.33 -29.84
CA ASP B 68 36.28 -10.01 -28.62
C ASP B 68 35.58 -9.04 -27.62
N TYR B 69 35.61 -7.74 -27.91
CA TYR B 69 34.95 -6.74 -27.07
C TYR B 69 33.79 -6.08 -27.81
N SER B 70 33.00 -5.33 -27.04
CA SER B 70 31.87 -4.58 -27.47
C SER B 70 32.03 -3.12 -27.05
N VAL B 71 31.55 -2.16 -27.85
CA VAL B 71 31.70 -0.74 -27.50
C VAL B 71 30.40 -0.24 -26.89
N HIS B 72 30.51 0.26 -25.65
CA HIS B 72 29.44 0.84 -24.85
C HIS B 72 29.70 2.34 -24.74
N ARG B 73 28.65 3.15 -24.47
CA ARG B 73 28.82 4.60 -24.33
C ARG B 73 28.18 5.14 -23.04
N LEU B 74 28.77 6.23 -22.55
CA LEU B 74 28.40 6.89 -21.32
C LEU B 74 28.21 8.36 -21.49
N ILE B 75 27.19 8.90 -20.84
CA ILE B 75 27.04 10.35 -20.77
C ILE B 75 27.80 10.80 -19.50
N LEU B 76 28.76 11.70 -19.68
CA LEU B 76 29.51 12.26 -18.58
C LEU B 76 29.37 13.78 -18.62
N GLY B 77 29.99 14.43 -17.65
CA GLY B 77 29.98 15.88 -17.57
C GLY B 77 31.28 16.36 -16.98
N THR B 78 31.47 17.67 -16.94
CA THR B 78 32.67 18.22 -16.33
C THR B 78 32.25 19.09 -15.16
N HIS B 79 33.18 19.33 -14.26
CA HIS B 79 33.03 20.24 -13.13
C HIS B 79 34.40 20.89 -13.01
N THR B 80 34.53 22.14 -13.50
CA THR B 80 35.82 22.86 -13.51
C THR B 80 35.88 23.97 -12.47
N SER B 81 37.11 24.36 -12.10
CA SER B 81 37.30 25.52 -11.23
C SER B 81 36.96 26.75 -12.06
N ASP B 82 37.70 26.94 -13.16
CA ASP B 82 37.43 28.11 -13.96
C ASP B 82 37.61 27.90 -15.46
N GLU B 83 37.66 26.66 -15.94
CA GLU B 83 37.83 26.42 -17.36
C GLU B 83 36.47 26.17 -18.04
N GLN B 84 36.51 25.98 -19.39
CA GLN B 84 35.33 25.67 -20.17
C GLN B 84 34.80 24.28 -19.79
N ASN B 85 33.53 24.23 -19.41
CA ASN B 85 32.83 23.02 -19.04
C ASN B 85 32.27 22.33 -20.30
N HIS B 86 32.17 21.00 -20.27
CA HIS B 86 31.62 20.27 -21.40
C HIS B 86 30.69 19.16 -20.98
N LEU B 87 29.77 18.83 -21.91
CA LEU B 87 28.91 17.67 -21.82
C LEU B 87 29.66 16.62 -22.61
N LEU B 88 29.92 15.46 -22.02
CA LEU B 88 30.72 14.44 -22.71
C LEU B 88 30.00 13.14 -23.00
N ILE B 89 30.33 12.56 -24.15
CA ILE B 89 29.93 11.20 -24.52
C ILE B 89 31.25 10.42 -24.56
N ALA B 90 31.39 9.42 -23.71
CA ALA B 90 32.58 8.58 -23.67
C ALA B 90 32.26 7.17 -24.19
N SER B 91 33.24 6.54 -24.89
CA SER B 91 33.16 5.15 -25.39
C SER B 91 33.96 4.27 -24.45
N VAL B 92 33.43 3.11 -24.16
CA VAL B 92 34.05 2.11 -23.27
C VAL B 92 34.07 0.80 -23.99
N GLN B 93 35.24 0.14 -24.02
CA GLN B 93 35.41 -1.18 -24.63
C GLN B 93 35.25 -2.21 -23.53
N LEU B 94 34.23 -3.06 -23.63
CA LEU B 94 33.97 -4.10 -22.64
C LEU B 94 33.99 -5.47 -23.31
N PRO B 95 34.39 -6.55 -22.59
CA PRO B 95 34.41 -7.89 -23.23
C PRO B 95 33.04 -8.45 -23.60
N SER B 96 32.95 -9.10 -24.79
CA SER B 96 31.71 -9.72 -25.30
C SER B 96 31.92 -11.22 -25.52
N GLY B 121 41.22 -2.74 -22.09
CA GLY B 121 40.00 -2.06 -22.49
C GLY B 121 40.15 -0.55 -22.45
N LYS B 122 39.85 0.15 -23.55
CA LYS B 122 40.05 1.60 -23.63
C LYS B 122 38.78 2.43 -23.36
N ILE B 123 38.98 3.55 -22.63
CA ILE B 123 37.96 4.55 -22.30
C ILE B 123 38.35 5.84 -23.04
N GLU B 124 37.50 6.31 -23.94
CA GLU B 124 37.82 7.48 -24.74
C GLU B 124 36.65 8.46 -24.84
N ILE B 125 36.95 9.77 -24.86
CA ILE B 125 35.94 10.83 -25.05
C ILE B 125 35.66 10.95 -26.54
N GLU B 126 34.41 10.72 -26.95
CA GLU B 126 33.97 10.78 -28.36
C GLU B 126 33.38 12.15 -28.73
N ILE B 127 32.56 12.72 -27.82
CA ILE B 127 31.86 13.98 -28.05
C ILE B 127 32.09 14.90 -26.87
N LYS B 128 32.39 16.18 -27.18
CA LYS B 128 32.61 17.27 -26.23
C LYS B 128 31.69 18.41 -26.65
N ILE B 129 30.69 18.74 -25.86
CA ILE B 129 29.81 19.86 -26.22
C ILE B 129 29.93 20.97 -25.16
N ASN B 130 30.21 22.19 -25.65
CA ASN B 130 30.32 23.39 -24.82
C ASN B 130 29.10 23.51 -23.92
N HIS B 131 29.36 23.55 -22.62
CA HIS B 131 28.31 23.66 -21.60
C HIS B 131 28.70 24.79 -20.65
N GLU B 132 27.71 25.65 -20.31
CA GLU B 132 27.88 26.78 -19.39
C GLU B 132 27.73 26.28 -17.96
N GLY B 133 28.84 26.32 -17.25
CA GLY B 133 28.94 25.84 -15.87
C GLY B 133 29.00 24.31 -15.81
N GLU B 134 29.25 23.77 -14.63
CA GLU B 134 29.31 22.33 -14.44
C GLU B 134 27.97 21.64 -14.76
N VAL B 135 28.04 20.39 -15.25
CA VAL B 135 26.88 19.59 -15.55
C VAL B 135 26.50 18.88 -14.26
N ASN B 136 25.48 19.40 -13.54
CA ASN B 136 24.98 18.79 -12.27
C ASN B 136 24.41 17.39 -12.51
N ARG B 137 23.73 17.19 -13.66
CA ARG B 137 23.11 15.93 -14.08
C ARG B 137 22.82 15.99 -15.56
N ALA B 138 22.98 14.88 -16.25
CA ALA B 138 22.70 14.76 -17.67
C ALA B 138 22.00 13.43 -17.91
N ARG B 139 20.84 13.47 -18.56
CA ARG B 139 20.03 12.29 -18.81
C ARG B 139 19.51 12.25 -20.23
N TYR B 140 19.58 11.06 -20.88
CA TYR B 140 19.11 10.93 -22.26
C TYR B 140 17.61 10.66 -22.31
N MET B 141 16.93 11.18 -23.35
CA MET B 141 15.52 10.95 -23.60
C MET B 141 15.35 9.51 -24.11
N PRO B 142 14.60 8.62 -23.40
CA PRO B 142 14.51 7.22 -23.84
C PRO B 142 14.00 7.01 -25.26
N GLN B 143 13.09 7.88 -25.74
CA GLN B 143 12.48 7.80 -27.06
C GLN B 143 13.43 8.28 -28.18
N ASN B 144 14.51 9.02 -27.84
CA ASN B 144 15.53 9.54 -28.76
C ASN B 144 16.82 9.81 -27.97
N ALA B 145 17.65 8.78 -27.78
CA ALA B 145 18.88 8.81 -26.99
C ALA B 145 19.90 9.87 -27.47
N CYS B 146 19.61 10.59 -28.57
CA CYS B 146 20.48 11.67 -29.05
C CYS B 146 20.16 12.97 -28.29
N VAL B 147 19.04 13.01 -27.57
CA VAL B 147 18.55 14.16 -26.85
C VAL B 147 18.92 14.00 -25.38
N ILE B 148 19.79 14.91 -24.88
CA ILE B 148 20.23 14.90 -23.50
C ILE B 148 19.80 16.20 -22.82
N ALA B 149 19.03 16.08 -21.72
CA ALA B 149 18.69 17.20 -20.88
C ALA B 149 19.79 17.36 -19.84
N THR B 150 20.16 18.63 -19.49
CA THR B 150 21.18 18.89 -18.46
C THR B 150 20.72 19.91 -17.42
N LYS B 151 21.17 19.70 -16.19
CA LYS B 151 20.95 20.60 -15.08
C LYS B 151 22.22 21.44 -14.94
N THR B 152 22.08 22.77 -14.94
CA THR B 152 23.21 23.71 -14.86
C THR B 152 23.35 24.28 -13.46
N PRO B 153 24.46 25.01 -13.14
CA PRO B 153 24.56 25.66 -11.81
C PRO B 153 23.70 26.94 -11.75
N SER B 154 22.89 27.18 -12.83
CA SER B 154 22.00 28.32 -13.00
C SER B 154 20.54 27.83 -13.08
N SER B 155 19.60 28.75 -13.31
CA SER B 155 18.16 28.47 -13.30
C SER B 155 17.67 27.64 -14.47
N ASP B 156 18.30 27.74 -15.66
CA ASP B 156 17.82 27.00 -16.82
C ASP B 156 18.18 25.54 -16.79
N VAL B 157 17.32 24.73 -17.41
CA VAL B 157 17.49 23.31 -17.71
C VAL B 157 17.71 23.30 -19.23
N LEU B 158 18.83 22.77 -19.69
CA LEU B 158 19.17 22.77 -21.12
C LEU B 158 18.89 21.41 -21.79
N VAL B 159 18.59 21.43 -23.10
CA VAL B 159 18.36 20.25 -23.90
C VAL B 159 19.36 20.31 -25.09
N PHE B 160 19.99 19.16 -25.40
CA PHE B 160 20.98 19.04 -26.47
C PHE B 160 20.73 17.83 -27.31
N ASP B 161 20.74 18.00 -28.64
CA ASP B 161 20.73 16.93 -29.63
C ASP B 161 22.19 16.86 -30.10
N TYR B 162 22.93 15.85 -29.60
CA TYR B 162 24.37 15.77 -29.86
C TYR B 162 24.70 15.58 -31.34
N THR B 163 23.73 15.13 -32.15
CA THR B 163 23.91 14.94 -33.59
C THR B 163 23.80 16.30 -34.32
N LYS B 164 23.21 17.32 -33.64
CA LYS B 164 23.07 18.70 -34.13
C LYS B 164 24.28 19.57 -33.67
N HIS B 165 25.36 18.93 -33.22
CA HIS B 165 26.60 19.58 -32.77
C HIS B 165 27.83 18.84 -33.33
N PRO B 166 28.99 19.51 -33.55
CA PRO B 166 30.19 18.75 -33.97
C PRO B 166 30.79 17.93 -32.80
N SER B 167 31.61 16.89 -33.13
CA SER B 167 32.26 16.04 -32.13
C SER B 167 33.30 16.86 -31.33
N LYS B 168 34.00 17.79 -32.01
CA LYS B 168 34.97 18.72 -31.38
C LYS B 168 34.24 20.04 -31.03
N PRO B 169 34.37 20.54 -29.79
CA PRO B 169 33.66 21.78 -29.45
C PRO B 169 34.31 22.99 -30.11
N GLU B 170 33.46 23.95 -30.54
CA GLU B 170 33.82 25.21 -31.17
C GLU B 170 34.66 26.03 -30.17
N PRO B 171 35.80 26.62 -30.61
CA PRO B 171 36.74 27.27 -29.65
C PRO B 171 36.20 28.49 -28.92
N SER B 172 35.11 29.12 -29.44
CA SER B 172 34.46 30.29 -28.86
C SER B 172 33.99 30.00 -27.41
N GLY B 173 33.83 28.70 -27.08
CA GLY B 173 33.39 28.20 -25.79
C GLY B 173 31.95 28.57 -25.45
N GLU B 174 31.17 28.97 -26.47
CA GLU B 174 29.80 29.41 -26.28
C GLU B 174 28.84 28.23 -26.25
N CYS B 175 28.02 28.20 -25.17
CA CYS B 175 26.99 27.20 -24.97
C CYS B 175 25.80 27.51 -25.87
N GLN B 176 25.48 26.60 -26.81
CA GLN B 176 24.35 26.78 -27.71
C GLN B 176 23.35 25.61 -27.59
N PRO B 177 22.56 25.56 -26.48
CA PRO B 177 21.59 24.46 -26.33
C PRO B 177 20.52 24.45 -27.40
N ASP B 178 19.99 23.26 -27.71
CA ASP B 178 18.89 23.16 -28.67
C ASP B 178 17.59 23.74 -28.07
N LEU B 179 17.42 23.66 -26.73
CA LEU B 179 16.29 24.24 -25.99
C LEU B 179 16.75 24.77 -24.60
N ARG B 180 16.10 25.87 -24.15
CA ARG B 180 16.28 26.48 -22.82
C ARG B 180 14.96 26.33 -22.12
N LEU B 181 14.95 25.58 -21.04
CA LEU B 181 13.71 25.34 -20.33
C LEU B 181 13.64 26.20 -19.10
N ARG B 182 12.67 27.13 -19.08
CA ARG B 182 12.44 28.09 -17.99
C ARG B 182 11.31 27.62 -17.05
N GLY B 183 11.39 28.09 -15.81
CA GLY B 183 10.46 27.77 -14.74
C GLY B 183 11.11 27.79 -13.38
N HIS B 184 12.44 27.48 -13.30
CA HIS B 184 13.16 27.45 -12.04
C HIS B 184 13.87 28.78 -11.79
N GLN B 185 14.18 29.10 -10.53
CA GLN B 185 14.95 30.31 -10.24
C GLN B 185 16.27 29.94 -9.55
N LYS B 186 16.50 28.64 -9.32
CA LYS B 186 17.74 28.13 -8.72
C LYS B 186 18.20 26.83 -9.40
N GLU B 187 19.46 26.45 -9.17
CA GLU B 187 20.03 25.19 -9.68
C GLU B 187 19.41 23.98 -8.96
N GLY B 188 19.65 22.79 -9.51
CA GLY B 188 19.13 21.56 -8.93
C GLY B 188 19.91 20.36 -9.41
N TYR B 189 19.46 19.17 -9.00
CA TYR B 189 20.10 17.93 -9.40
C TYR B 189 19.05 17.01 -10.05
N GLY B 190 17.90 16.81 -9.43
CA GLY B 190 16.84 15.93 -9.95
C GLY B 190 16.45 16.23 -11.38
N LEU B 191 16.40 15.18 -12.21
CA LEU B 191 16.08 15.26 -13.65
C LEU B 191 15.55 13.90 -14.12
N SER B 192 14.35 13.85 -14.71
CA SER B 192 13.76 12.57 -15.12
C SER B 192 12.86 12.72 -16.34
N TRP B 193 13.15 11.92 -17.40
CA TRP B 193 12.38 11.84 -18.68
C TRP B 193 11.26 10.82 -18.57
N ASN B 194 10.06 11.12 -19.07
CA ASN B 194 8.96 10.14 -19.01
C ASN B 194 9.20 8.99 -19.99
N PRO B 195 9.26 7.73 -19.53
CA PRO B 195 9.52 6.62 -20.47
C PRO B 195 8.32 6.21 -21.32
N ASN B 196 7.10 6.69 -20.96
CA ASN B 196 5.87 6.31 -21.69
C ASN B 196 5.22 7.49 -22.42
N LEU B 197 5.61 8.72 -22.08
CA LEU B 197 5.13 9.96 -22.67
C LEU B 197 6.31 10.70 -23.26
N ASN B 198 6.43 10.78 -24.61
CA ASN B 198 7.58 11.39 -25.30
C ASN B 198 7.71 12.90 -24.99
N GLY B 199 8.91 13.26 -24.60
CA GLY B 199 9.31 14.64 -24.37
C GLY B 199 8.95 15.25 -23.05
N TYR B 200 8.29 14.50 -22.16
CA TYR B 200 7.88 14.99 -20.85
C TYR B 200 9.02 14.89 -19.83
N LEU B 201 9.57 16.05 -19.47
CA LEU B 201 10.74 16.12 -18.60
C LEU B 201 10.43 16.80 -17.26
N LEU B 202 10.88 16.16 -16.18
CA LEU B 202 10.72 16.70 -14.83
C LEU B 202 12.06 17.15 -14.30
N SER B 203 12.04 18.19 -13.47
CA SER B 203 13.26 18.72 -12.87
C SER B 203 12.99 19.22 -11.46
N ALA B 204 13.90 18.93 -10.53
CA ALA B 204 13.83 19.37 -9.13
C ALA B 204 14.87 20.46 -8.90
N SER B 205 14.55 21.43 -8.06
CA SER B 205 15.45 22.57 -7.81
C SER B 205 15.53 22.97 -6.32
N ASP B 206 16.59 23.72 -5.99
CA ASP B 206 16.87 24.31 -4.67
C ASP B 206 15.81 25.40 -4.31
N ASP B 207 15.00 25.85 -5.29
CA ASP B 207 13.95 26.88 -5.15
C ASP B 207 12.66 26.28 -4.58
N HIS B 208 12.72 24.98 -4.19
CA HIS B 208 11.63 24.18 -3.56
C HIS B 208 10.60 23.65 -4.57
N THR B 209 10.82 23.86 -5.89
CA THR B 209 9.83 23.42 -6.89
C THR B 209 10.30 22.27 -7.81
N ILE B 210 9.30 21.67 -8.49
CA ILE B 210 9.41 20.65 -9.51
C ILE B 210 8.82 21.25 -10.76
N CYS B 211 9.60 21.31 -11.85
CA CYS B 211 9.08 21.80 -13.12
C CYS B 211 8.83 20.66 -14.09
N LEU B 212 7.75 20.79 -14.87
CA LEU B 212 7.41 19.87 -15.93
C LEU B 212 7.42 20.62 -17.25
N TRP B 213 8.04 20.04 -18.28
CA TRP B 213 8.05 20.54 -19.66
C TRP B 213 7.71 19.44 -20.63
N ASP B 214 7.04 19.82 -21.73
CA ASP B 214 6.83 18.99 -22.90
C ASP B 214 7.78 19.64 -23.92
N ILE B 215 8.91 18.99 -24.20
CA ILE B 215 9.93 19.57 -25.08
C ILE B 215 9.46 19.64 -26.55
N ASN B 216 8.28 19.04 -26.84
CA ASN B 216 7.63 19.04 -28.15
C ASN B 216 6.81 20.31 -28.39
N ALA B 217 6.60 21.11 -27.33
CA ALA B 217 5.87 22.37 -27.37
C ALA B 217 6.67 23.39 -28.20
N THR B 218 5.91 24.29 -28.87
CA THR B 218 6.47 25.32 -29.76
C THR B 218 7.28 26.28 -28.89
N PRO B 219 8.59 26.39 -29.15
CA PRO B 219 9.40 27.32 -28.34
C PRO B 219 9.04 28.75 -28.69
N LYS B 220 9.53 29.69 -27.89
CA LYS B 220 9.41 31.11 -28.15
C LYS B 220 10.78 31.72 -27.93
N GLU B 221 10.93 33.04 -28.16
CA GLU B 221 12.17 33.78 -28.01
C GLU B 221 13.31 32.99 -28.64
N HIS B 222 14.42 32.81 -27.94
CA HIS B 222 15.38 31.95 -28.56
C HIS B 222 15.34 30.55 -27.94
N ARG B 223 14.55 29.63 -28.55
CA ARG B 223 14.51 28.21 -28.17
C ARG B 223 14.00 28.01 -26.71
N VAL B 224 13.12 28.90 -26.26
CA VAL B 224 12.64 28.91 -24.88
C VAL B 224 11.32 28.21 -24.75
N ILE B 225 11.22 27.32 -23.76
CA ILE B 225 9.97 26.67 -23.44
C ILE B 225 9.74 26.93 -21.97
N ASP B 226 8.55 27.47 -21.66
CA ASP B 226 8.16 27.69 -20.28
C ASP B 226 7.55 26.43 -19.72
N ALA B 227 7.76 26.19 -18.43
CA ALA B 227 7.23 25.06 -17.68
C ALA B 227 5.72 24.88 -17.92
N LYS B 228 5.31 23.66 -18.33
CA LYS B 228 3.90 23.30 -18.51
C LYS B 228 3.18 23.39 -17.14
N ASN B 229 3.85 22.91 -16.08
CA ASN B 229 3.38 22.88 -14.69
C ASN B 229 4.55 23.03 -13.71
N ILE B 230 4.25 23.58 -12.53
CA ILE B 230 5.20 23.76 -11.45
C ILE B 230 4.55 23.19 -10.19
N PHE B 231 5.20 22.22 -9.58
CA PHE B 231 4.67 21.53 -8.40
C PHE B 231 5.39 22.11 -7.17
N THR B 232 4.60 22.68 -6.25
CA THR B 232 5.05 23.45 -5.09
C THR B 232 4.72 22.81 -3.74
N GLY B 233 4.55 21.51 -3.70
CA GLY B 233 4.25 20.79 -2.47
C GLY B 233 5.34 20.85 -1.41
N HIS B 234 6.62 20.80 -1.81
CA HIS B 234 7.73 20.80 -0.86
C HIS B 234 7.97 22.21 -0.27
N THR B 235 8.52 22.25 0.94
CA THR B 235 8.80 23.46 1.73
C THR B 235 10.31 23.61 1.96
N ALA B 236 11.11 22.83 1.20
CA ALA B 236 12.57 22.81 1.22
C ALA B 236 13.12 22.35 -0.13
N VAL B 237 14.45 22.46 -0.33
CA VAL B 237 15.19 22.05 -1.51
C VAL B 237 14.70 20.68 -1.99
N VAL B 238 14.23 20.56 -3.25
CA VAL B 238 13.82 19.26 -3.82
C VAL B 238 15.08 18.63 -4.39
N GLU B 239 15.49 17.50 -3.82
CA GLU B 239 16.72 16.82 -4.20
C GLU B 239 16.58 15.98 -5.44
N ASP B 240 15.42 15.31 -5.64
CA ASP B 240 15.26 14.43 -6.80
C ASP B 240 13.81 14.26 -7.22
N VAL B 241 13.64 13.86 -8.49
CA VAL B 241 12.36 13.57 -9.16
C VAL B 241 12.52 12.30 -9.97
N ALA B 242 11.46 11.52 -10.07
CA ALA B 242 11.49 10.29 -10.85
C ALA B 242 10.10 9.95 -11.31
N TRP B 243 9.94 9.78 -12.61
CA TRP B 243 8.69 9.32 -13.20
C TRP B 243 8.50 7.86 -12.83
N HIS B 244 7.24 7.47 -12.58
CA HIS B 244 6.93 6.07 -12.37
C HIS B 244 7.24 5.40 -13.71
N LEU B 245 7.76 4.20 -13.70
CA LEU B 245 8.15 3.48 -14.91
C LEU B 245 6.98 2.83 -15.65
N LEU B 246 5.77 2.85 -15.11
CA LEU B 246 4.66 2.19 -15.78
C LEU B 246 3.41 3.10 -15.97
N HIS B 247 3.22 4.12 -15.12
CA HIS B 247 2.08 5.06 -15.20
C HIS B 247 2.61 6.42 -15.56
N GLU B 248 2.31 6.82 -16.81
CA GLU B 248 2.80 8.04 -17.46
C GLU B 248 2.40 9.34 -16.72
N SER B 249 1.36 9.28 -15.85
CA SER B 249 0.85 10.43 -15.08
C SER B 249 1.42 10.49 -13.66
N LEU B 250 2.18 9.45 -13.26
CA LEU B 250 2.73 9.33 -11.93
C LEU B 250 4.21 9.65 -11.81
N PHE B 251 4.54 10.34 -10.74
CA PHE B 251 5.94 10.61 -10.43
C PHE B 251 6.11 10.85 -8.93
N GLY B 252 7.35 10.74 -8.50
CA GLY B 252 7.72 10.88 -7.10
C GLY B 252 8.79 11.93 -6.91
N SER B 253 8.75 12.62 -5.76
CA SER B 253 9.75 13.64 -5.46
C SER B 253 10.21 13.48 -4.03
N VAL B 254 11.47 13.89 -3.77
CA VAL B 254 12.10 13.81 -2.44
C VAL B 254 12.81 15.13 -2.13
N ALA B 255 12.69 15.64 -0.88
CA ALA B 255 13.29 16.92 -0.52
C ALA B 255 13.98 16.97 0.84
N ASP B 256 14.54 18.14 1.18
CA ASP B 256 15.21 18.42 2.45
C ASP B 256 14.22 18.57 3.59
N ASP B 257 12.90 18.59 3.27
CA ASP B 257 11.82 18.67 4.24
C ASP B 257 11.53 17.27 4.83
N GLN B 258 12.41 16.28 4.53
CA GLN B 258 12.38 14.87 4.99
C GLN B 258 11.20 14.06 4.38
N LYS B 259 10.51 14.62 3.36
CA LYS B 259 9.36 13.94 2.75
C LYS B 259 9.62 13.34 1.36
N LEU B 260 8.88 12.28 1.07
CA LEU B 260 8.71 11.61 -0.20
C LEU B 260 7.31 11.96 -0.64
N MET B 261 7.14 12.50 -1.84
CA MET B 261 5.80 12.86 -2.31
C MET B 261 5.49 12.16 -3.60
N ILE B 262 4.24 11.75 -3.76
CA ILE B 262 3.76 11.07 -4.95
C ILE B 262 2.78 11.98 -5.62
N TRP B 263 3.02 12.28 -6.89
CA TRP B 263 2.20 13.18 -7.68
C TRP B 263 1.53 12.49 -8.88
N ASP B 264 0.32 12.99 -9.24
CA ASP B 264 -0.47 12.60 -10.40
C ASP B 264 -0.73 13.87 -11.20
N THR B 265 -0.22 13.90 -12.45
CA THR B 265 -0.37 15.04 -13.36
C THR B 265 -1.83 15.24 -13.80
N ARG B 266 -2.69 14.21 -13.62
CA ARG B 266 -4.10 14.28 -14.00
C ARG B 266 -4.88 15.21 -13.02
N ASN B 267 -4.39 15.38 -11.78
CA ASN B 267 -4.99 16.29 -10.79
C ASN B 267 -4.72 17.73 -11.17
N ASN B 268 -5.63 18.64 -10.82
CA ASN B 268 -5.54 20.07 -11.13
C ASN B 268 -4.75 20.88 -10.09
N ASN B 269 -4.61 20.35 -8.86
CA ASN B 269 -3.87 21.01 -7.78
C ASN B 269 -2.40 20.57 -7.81
N THR B 270 -1.53 21.49 -8.27
CA THR B 270 -0.08 21.23 -8.38
C THR B 270 0.65 21.73 -7.12
N SER B 271 -0.10 22.05 -6.06
CA SER B 271 0.49 22.48 -4.77
C SER B 271 0.30 21.38 -3.71
N LYS B 272 -0.56 20.41 -4.01
CA LYS B 272 -0.84 19.29 -3.12
C LYS B 272 -0.62 17.94 -3.84
N PRO B 273 0.32 17.10 -3.34
CA PRO B 273 0.52 15.77 -3.94
C PRO B 273 -0.57 14.79 -3.55
N SER B 274 -0.67 13.66 -4.26
CA SER B 274 -1.60 12.58 -3.96
C SER B 274 -1.27 11.98 -2.60
N HIS B 275 0.02 11.87 -2.29
CA HIS B 275 0.53 11.29 -1.05
C HIS B 275 1.77 12.02 -0.57
N THR B 276 1.87 12.20 0.75
CA THR B 276 3.04 12.74 1.44
C THR B 276 3.48 11.66 2.41
N VAL B 277 4.74 11.29 2.35
CA VAL B 277 5.30 10.26 3.20
C VAL B 277 6.39 10.88 4.03
N ASP B 278 6.32 10.66 5.35
CA ASP B 278 7.37 11.11 6.26
C ASP B 278 8.38 9.99 6.18
N ALA B 279 9.28 10.12 5.20
CA ALA B 279 10.19 9.07 4.75
C ALA B 279 11.44 8.87 5.58
N HIS B 280 12.05 9.95 6.08
CA HIS B 280 13.34 9.86 6.76
C HIS B 280 13.47 10.91 7.88
N THR B 281 14.47 10.72 8.76
CA THR B 281 14.76 11.58 9.91
C THR B 281 15.76 12.71 9.52
N ALA B 282 16.12 12.79 8.24
CA ALA B 282 16.99 13.82 7.66
C ALA B 282 16.61 14.06 6.17
N GLU B 283 17.36 14.92 5.46
CA GLU B 283 17.17 15.22 4.04
C GLU B 283 17.04 13.95 3.18
N VAL B 284 16.12 13.95 2.22
CA VAL B 284 15.93 12.81 1.30
C VAL B 284 16.51 13.23 -0.04
N ASN B 285 17.60 12.57 -0.46
CA ASN B 285 18.40 12.97 -1.61
C ASN B 285 18.11 12.26 -2.93
N CYS B 286 17.52 11.06 -2.88
CA CYS B 286 17.31 10.29 -4.11
C CYS B 286 16.17 9.35 -3.96
N LEU B 287 15.63 8.92 -5.09
CA LEU B 287 14.56 7.93 -5.19
C LEU B 287 14.72 7.20 -6.52
N SER B 288 14.21 5.96 -6.57
CA SER B 288 14.29 5.13 -7.77
C SER B 288 13.18 4.08 -7.72
N PHE B 289 12.39 4.00 -8.82
CA PHE B 289 11.30 3.00 -8.93
C PHE B 289 11.88 1.67 -9.35
N ASN B 290 11.46 0.56 -8.73
CA ASN B 290 11.91 -0.77 -9.17
C ASN B 290 11.40 -1.01 -10.63
N PRO B 291 12.24 -1.43 -11.59
CA PRO B 291 11.76 -1.59 -12.98
C PRO B 291 10.86 -2.81 -13.25
N TYR B 292 10.82 -3.77 -12.29
CA TYR B 292 10.04 -5.01 -12.39
C TYR B 292 8.74 -4.92 -11.56
N SER B 293 8.46 -3.76 -10.94
CA SER B 293 7.29 -3.57 -10.09
C SER B 293 6.63 -2.23 -10.27
N GLU B 294 5.29 -2.22 -10.31
CA GLU B 294 4.56 -0.98 -10.42
C GLU B 294 4.22 -0.37 -9.06
N PHE B 295 4.71 -0.98 -7.95
CA PHE B 295 4.43 -0.45 -6.62
C PHE B 295 5.72 -0.22 -5.77
N ILE B 296 6.85 -0.89 -6.11
CA ILE B 296 8.07 -0.80 -5.30
C ILE B 296 9.03 0.33 -5.74
N LEU B 297 9.39 1.16 -4.79
CA LEU B 297 10.27 2.32 -4.91
C LEU B 297 11.25 2.30 -3.74
N ALA B 298 12.46 2.88 -3.90
CA ALA B 298 13.46 3.09 -2.84
C ALA B 298 13.76 4.56 -2.72
N THR B 299 14.20 5.00 -1.55
CA THR B 299 14.64 6.38 -1.26
C THR B 299 15.94 6.33 -0.44
N GLY B 300 16.85 7.28 -0.65
CA GLY B 300 18.14 7.37 0.02
C GLY B 300 18.26 8.67 0.75
N SER B 301 18.80 8.64 1.98
CA SER B 301 18.79 9.83 2.84
C SER B 301 20.11 10.21 3.51
N ALA B 302 20.10 11.43 4.07
CA ALA B 302 21.17 11.99 4.90
C ALA B 302 21.23 11.25 6.25
N ASP B 303 20.15 10.51 6.61
CA ASP B 303 20.08 9.71 7.84
C ASP B 303 20.88 8.39 7.70
N LYS B 304 21.60 8.24 6.57
CA LYS B 304 22.50 7.13 6.22
C LYS B 304 21.74 5.83 5.88
N THR B 305 20.42 5.92 5.62
CA THR B 305 19.64 4.73 5.25
C THR B 305 18.97 4.83 3.87
N VAL B 306 18.65 3.65 3.33
CA VAL B 306 17.86 3.45 2.12
C VAL B 306 16.53 2.84 2.63
N ALA B 307 15.41 3.47 2.30
CA ALA B 307 14.09 2.99 2.69
C ALA B 307 13.39 2.32 1.51
N LEU B 308 12.64 1.27 1.79
CA LEU B 308 11.87 0.55 0.78
C LEU B 308 10.41 0.88 0.98
N TRP B 309 9.70 1.20 -0.13
CA TRP B 309 8.31 1.62 -0.13
C TRP B 309 7.46 0.84 -1.10
N ASP B 310 6.19 0.61 -0.71
CA ASP B 310 5.13 0.03 -1.53
C ASP B 310 4.09 1.10 -1.64
N LEU B 311 3.75 1.48 -2.87
CA LEU B 311 2.77 2.52 -3.14
C LEU B 311 1.37 2.13 -2.64
N ARG B 312 1.11 0.83 -2.49
CA ARG B 312 -0.15 0.28 -1.97
C ARG B 312 -0.31 0.51 -0.45
N ASN B 313 0.80 0.74 0.29
CA ASN B 313 0.75 1.00 1.72
C ASN B 313 1.91 1.89 2.14
N LEU B 314 1.77 3.18 1.92
CA LEU B 314 2.83 4.15 2.23
C LEU B 314 2.89 4.52 3.72
N LYS B 315 1.94 4.03 4.53
CA LYS B 315 1.91 4.28 5.98
C LYS B 315 3.06 3.55 6.66
N LEU B 316 3.43 2.40 6.10
CA LEU B 316 4.48 1.56 6.62
C LEU B 316 5.66 1.53 5.67
N LYS B 317 6.89 1.68 6.21
CA LYS B 317 8.15 1.56 5.50
C LYS B 317 8.50 0.08 5.47
N LEU B 318 8.58 -0.55 4.28
CA LEU B 318 8.86 -1.97 4.09
C LEU B 318 10.13 -2.44 4.78
N HIS B 319 11.22 -1.68 4.66
CA HIS B 319 12.52 -2.04 5.22
C HIS B 319 13.45 -0.83 5.20
N SER B 320 14.49 -0.87 6.03
CA SER B 320 15.51 0.15 6.12
C SER B 320 16.88 -0.52 5.91
N PHE B 321 17.62 -0.12 4.84
CA PHE B 321 18.94 -0.67 4.56
C PHE B 321 20.02 0.18 5.27
N GLU B 322 20.55 -0.36 6.38
CA GLU B 322 21.53 0.33 7.21
C GLU B 322 22.89 -0.28 7.03
N SER B 323 23.93 0.57 6.89
CA SER B 323 25.33 0.18 6.73
C SER B 323 26.19 1.32 6.21
N HIS B 324 25.57 2.31 5.52
CA HIS B 324 26.32 3.48 5.06
C HIS B 324 26.75 4.28 6.30
N LYS B 325 27.98 4.82 6.24
CA LYS B 325 28.64 5.56 7.33
C LYS B 325 28.49 7.08 7.16
N ASP B 326 27.79 7.52 6.09
CA ASP B 326 27.53 8.96 5.83
C ASP B 326 26.32 9.11 4.88
N GLU B 327 26.07 10.32 4.40
CA GLU B 327 24.94 10.74 3.59
C GLU B 327 24.81 10.01 2.25
N ILE B 328 23.63 9.43 1.98
CA ILE B 328 23.42 8.76 0.70
C ILE B 328 22.88 9.78 -0.30
N PHE B 329 23.46 9.77 -1.51
CA PHE B 329 23.08 10.70 -2.54
C PHE B 329 22.47 10.05 -3.79
N GLN B 330 22.76 8.76 -4.03
CA GLN B 330 22.23 8.07 -5.19
C GLN B 330 21.72 6.65 -4.84
N VAL B 331 20.59 6.28 -5.44
CA VAL B 331 19.94 4.96 -5.36
C VAL B 331 19.53 4.55 -6.80
N GLN B 332 19.87 3.34 -7.21
CA GLN B 332 19.54 2.84 -8.54
C GLN B 332 19.26 1.34 -8.45
N TRP B 333 18.12 0.91 -8.98
CA TRP B 333 17.79 -0.51 -9.05
C TRP B 333 18.52 -1.16 -10.18
N SER B 334 18.82 -2.48 -10.07
CA SER B 334 19.43 -3.23 -11.15
C SER B 334 18.49 -3.33 -12.34
N PRO B 335 18.99 -3.05 -13.56
CA PRO B 335 18.12 -3.18 -14.75
C PRO B 335 17.83 -4.64 -15.10
N HIS B 336 18.55 -5.59 -14.49
CA HIS B 336 18.46 -7.00 -14.82
C HIS B 336 17.88 -7.88 -13.72
N ASN B 337 18.03 -7.52 -12.44
CA ASN B 337 17.56 -8.33 -11.32
C ASN B 337 16.68 -7.51 -10.39
N GLU B 338 15.41 -7.93 -10.30
CA GLU B 338 14.31 -7.30 -9.55
C GLU B 338 14.57 -7.10 -8.05
N THR B 339 15.39 -7.94 -7.42
CA THR B 339 15.70 -7.83 -5.99
C THR B 339 17.00 -7.03 -5.66
N ILE B 340 17.71 -6.56 -6.71
CA ILE B 340 18.98 -5.85 -6.58
C ILE B 340 18.85 -4.33 -6.81
N LEU B 341 19.44 -3.59 -5.88
CA LEU B 341 19.58 -2.14 -5.93
C LEU B 341 20.91 -1.76 -5.30
N ALA B 342 21.41 -0.59 -5.69
CA ALA B 342 22.64 -0.08 -5.19
C ALA B 342 22.44 1.33 -4.71
N SER B 343 23.29 1.74 -3.77
CA SER B 343 23.30 3.07 -3.19
C SER B 343 24.73 3.56 -3.05
N SER B 344 24.93 4.86 -3.17
CA SER B 344 26.25 5.50 -3.03
C SER B 344 26.12 6.82 -2.28
N GLY B 345 27.23 7.27 -1.69
CA GLY B 345 27.23 8.55 -0.99
C GLY B 345 28.56 9.19 -0.66
N THR B 346 28.55 10.00 0.40
CA THR B 346 29.71 10.75 0.88
C THR B 346 30.69 9.87 1.67
N ASP B 347 30.27 8.65 2.08
CA ASP B 347 31.14 7.71 2.79
C ASP B 347 32.13 7.00 1.83
N ARG B 348 32.19 7.47 0.54
CA ARG B 348 33.05 7.00 -0.56
C ARG B 348 32.77 5.53 -0.94
N ARG B 349 31.66 4.95 -0.46
CA ARG B 349 31.33 3.55 -0.76
C ARG B 349 30.06 3.45 -1.60
N LEU B 350 29.95 2.33 -2.32
CA LEU B 350 28.82 1.93 -3.13
C LEU B 350 28.41 0.55 -2.64
N HIS B 351 27.22 0.46 -2.08
CA HIS B 351 26.65 -0.77 -1.52
C HIS B 351 25.64 -1.35 -2.49
N VAL B 352 25.66 -2.68 -2.62
CA VAL B 352 24.73 -3.42 -3.45
C VAL B 352 23.89 -4.24 -2.49
N TRP B 353 22.57 -4.07 -2.55
CA TRP B 353 21.65 -4.78 -1.68
C TRP B 353 20.83 -5.84 -2.43
N ASP B 354 20.45 -6.90 -1.71
CA ASP B 354 19.62 -7.99 -2.24
C ASP B 354 18.41 -8.16 -1.36
N LEU B 355 17.24 -7.77 -1.88
CA LEU B 355 15.96 -7.86 -1.18
C LEU B 355 15.62 -9.28 -0.72
N SER B 356 15.97 -10.30 -1.52
CA SER B 356 15.69 -11.70 -1.24
C SER B 356 16.41 -12.23 0.01
N LYS B 357 17.51 -11.56 0.46
CA LYS B 357 18.30 -11.96 1.63
C LYS B 357 17.81 -11.30 2.92
N ILE B 358 16.82 -10.41 2.86
CA ILE B 358 16.26 -9.76 4.05
C ILE B 358 15.66 -10.85 4.97
N GLY B 359 16.00 -10.79 6.25
CA GLY B 359 15.52 -11.74 7.25
C GLY B 359 16.19 -13.10 7.20
N GLU B 360 17.26 -13.23 6.39
CA GLU B 360 17.99 -14.48 6.27
C GLU B 360 18.88 -14.75 7.49
N GLU B 361 19.31 -16.00 7.60
CA GLU B 361 20.13 -16.48 8.69
C GLU B 361 21.62 -16.25 8.44
N GLN B 362 22.29 -15.67 9.46
CA GLN B 362 23.72 -15.44 9.46
C GLN B 362 24.39 -16.01 10.69
N SER B 363 25.59 -16.59 10.48
CA SER B 363 26.47 -17.04 11.54
C SER B 363 27.03 -15.79 12.22
N THR B 364 27.25 -15.85 13.56
CA THR B 364 27.77 -14.74 14.39
C THR B 364 28.98 -14.02 13.74
N GLU B 365 29.83 -14.77 12.98
CA GLU B 365 31.01 -14.26 12.27
C GLU B 365 30.62 -13.44 11.01
N ASP B 366 29.57 -13.88 10.28
CA ASP B 366 29.07 -13.19 9.08
C ASP B 366 28.29 -11.93 9.49
N ALA B 367 27.54 -12.02 10.62
CA ALA B 367 26.66 -11.00 11.19
C ALA B 367 27.40 -9.71 11.58
N GLU B 368 28.67 -9.82 12.02
CA GLU B 368 29.47 -8.66 12.42
C GLU B 368 29.93 -7.80 11.20
N ASP B 369 29.95 -8.40 9.99
CA ASP B 369 30.34 -7.73 8.75
C ASP B 369 29.22 -6.85 8.15
N GLY B 370 27.98 -7.08 8.56
CA GLY B 370 26.83 -6.32 8.07
C GLY B 370 25.56 -7.14 7.95
N PRO B 371 24.46 -6.54 7.46
CA PRO B 371 23.20 -7.30 7.35
C PRO B 371 23.22 -8.30 6.19
N PRO B 372 22.39 -9.37 6.22
CA PRO B 372 22.40 -10.36 5.12
C PRO B 372 22.02 -9.77 3.77
N GLU B 373 21.14 -8.73 3.76
CA GLU B 373 20.71 -8.02 2.54
C GLU B 373 21.85 -7.24 1.87
N LEU B 374 22.96 -6.95 2.58
CA LEU B 374 24.10 -6.27 1.96
C LEU B 374 24.91 -7.31 1.18
N LEU B 375 24.85 -7.26 -0.15
CA LEU B 375 25.51 -8.23 -1.02
C LEU B 375 26.98 -7.91 -1.31
N PHE B 376 27.32 -6.61 -1.44
CA PHE B 376 28.66 -6.16 -1.81
C PHE B 376 28.92 -4.70 -1.45
N ILE B 377 30.15 -4.42 -1.05
CA ILE B 377 30.66 -3.08 -0.77
C ILE B 377 31.76 -2.82 -1.77
N HIS B 378 31.62 -1.75 -2.57
CA HIS B 378 32.64 -1.33 -3.50
C HIS B 378 33.47 -0.23 -2.84
N GLY B 379 34.74 -0.53 -2.56
CA GLY B 379 35.66 0.43 -1.94
C GLY B 379 36.72 1.00 -2.87
N GLY B 380 36.46 0.99 -4.17
CA GLY B 380 37.41 1.47 -5.17
C GLY B 380 37.70 2.96 -5.20
N HIS B 381 36.75 3.79 -4.73
CA HIS B 381 36.86 5.25 -4.71
C HIS B 381 37.45 5.74 -3.39
N THR B 382 38.34 6.74 -3.48
CA THR B 382 39.03 7.34 -2.31
C THR B 382 38.45 8.74 -2.02
N ALA B 383 37.40 9.10 -2.76
CA ALA B 383 36.64 10.34 -2.68
C ALA B 383 35.17 10.03 -2.82
N LYS B 384 34.37 11.02 -2.52
CA LYS B 384 32.92 11.02 -2.52
C LYS B 384 32.36 10.67 -3.87
N ILE B 385 31.38 9.74 -3.93
CA ILE B 385 30.83 9.26 -5.21
C ILE B 385 29.70 10.17 -5.61
N SER B 386 29.84 10.79 -6.76
CA SER B 386 28.90 11.80 -7.26
C SER B 386 27.70 11.15 -7.97
N ASP B 387 27.96 10.13 -8.79
CA ASP B 387 26.94 9.42 -9.53
C ASP B 387 27.47 8.05 -9.90
N PHE B 388 26.56 7.17 -10.32
CA PHE B 388 26.82 5.83 -10.77
C PHE B 388 25.65 5.38 -11.69
N SER B 389 25.93 4.40 -12.54
CA SER B 389 24.97 3.90 -13.50
C SER B 389 25.22 2.39 -13.76
N TRP B 390 24.15 1.59 -13.71
CA TRP B 390 24.20 0.17 -14.05
C TRP B 390 24.25 0.03 -15.56
N ASN B 391 25.17 -0.76 -16.11
CA ASN B 391 25.23 -0.98 -17.57
C ASN B 391 23.93 -1.72 -18.00
N PRO B 392 23.13 -1.17 -18.93
CA PRO B 392 21.85 -1.83 -19.28
C PRO B 392 22.00 -3.09 -20.16
N ASN B 393 23.15 -3.28 -20.78
CA ASN B 393 23.35 -4.41 -21.68
C ASN B 393 24.17 -5.54 -21.09
N GLU B 394 25.11 -5.23 -20.19
CA GLU B 394 25.94 -6.23 -19.51
C GLU B 394 25.56 -6.30 -18.02
N PRO B 395 25.00 -7.42 -17.55
CA PRO B 395 24.59 -7.49 -16.13
C PRO B 395 25.77 -7.38 -15.17
N TRP B 396 25.52 -6.76 -14.00
CA TRP B 396 26.46 -6.56 -12.90
C TRP B 396 27.60 -5.57 -13.18
N ILE B 397 27.60 -4.88 -14.33
CA ILE B 397 28.64 -3.88 -14.62
C ILE B 397 28.14 -2.51 -14.18
N ILE B 398 28.96 -1.80 -13.38
CA ILE B 398 28.62 -0.47 -12.89
C ILE B 398 29.69 0.53 -13.28
N CYS B 399 29.27 1.77 -13.54
CA CYS B 399 30.18 2.88 -13.70
C CYS B 399 29.87 3.87 -12.59
N SER B 400 30.90 4.19 -11.80
CA SER B 400 30.82 5.14 -10.69
C SER B 400 31.90 6.21 -10.91
N VAL B 401 31.55 7.46 -10.65
CA VAL B 401 32.40 8.64 -10.79
C VAL B 401 32.54 9.30 -9.42
N SER B 402 33.76 9.72 -9.05
CA SER B 402 33.99 10.36 -7.74
C SER B 402 34.51 11.78 -7.90
N GLU B 403 34.48 12.54 -6.79
CA GLU B 403 34.90 13.94 -6.71
C GLU B 403 36.39 14.19 -7.02
N ASP B 404 37.24 13.14 -6.99
CA ASP B 404 38.68 13.21 -7.26
C ASP B 404 39.06 12.90 -8.76
N ASN B 405 38.07 12.96 -9.70
CA ASN B 405 38.23 12.77 -11.17
C ASN B 405 38.25 11.29 -11.61
N ILE B 406 38.15 10.39 -10.65
CA ILE B 406 38.17 8.97 -10.98
C ILE B 406 36.81 8.50 -11.49
N MET B 407 36.85 7.67 -12.54
CA MET B 407 35.70 6.96 -13.05
C MET B 407 36.09 5.47 -13.12
N GLN B 408 35.26 4.65 -12.52
CA GLN B 408 35.52 3.22 -12.47
C GLN B 408 34.39 2.48 -13.15
N VAL B 409 34.75 1.60 -14.07
CA VAL B 409 33.84 0.65 -14.70
C VAL B 409 34.25 -0.69 -14.06
N TRP B 410 33.36 -1.28 -13.30
CA TRP B 410 33.68 -2.49 -12.58
C TRP B 410 32.51 -3.47 -12.52
N GLN B 411 32.83 -4.71 -12.17
CA GLN B 411 31.85 -5.79 -12.07
C GLN B 411 32.29 -6.71 -10.98
N MET B 412 31.41 -6.97 -10.00
CA MET B 412 31.75 -7.88 -8.90
C MET B 412 31.90 -9.31 -9.42
N ALA B 413 32.69 -10.14 -8.71
CA ALA B 413 32.94 -11.55 -9.06
C ALA B 413 31.64 -12.34 -9.06
N GLU B 414 31.48 -13.23 -10.05
CA GLU B 414 30.28 -14.07 -10.20
C GLU B 414 29.92 -14.81 -8.90
N ASN B 415 30.93 -15.35 -8.17
CA ASN B 415 30.70 -16.06 -6.91
C ASN B 415 29.95 -15.22 -5.84
N VAL B 416 30.03 -13.87 -5.91
CA VAL B 416 29.36 -12.97 -4.95
C VAL B 416 27.83 -13.09 -5.09
N TYR B 417 27.31 -13.01 -6.33
CA TYR B 417 25.87 -13.10 -6.55
C TYR B 417 25.38 -14.52 -6.88
N ASN B 418 26.25 -15.36 -7.46
CA ASN B 418 25.92 -16.72 -7.88
C ASN B 418 26.54 -17.74 -6.94
N ASP B 419 25.70 -18.21 -5.99
CA ASP B 419 25.97 -19.21 -4.96
C ASP B 419 24.65 -19.70 -4.36
N ALA C 1 20.71 19.90 1.31
CA ALA C 1 21.46 20.50 0.22
C ALA C 1 22.88 19.93 0.16
N ARG C 2 23.45 19.87 -1.05
CA ARG C 2 24.80 19.34 -1.23
C ARG C 2 25.75 20.45 -1.62
N THR C 3 26.95 20.41 -1.05
CA THR C 3 28.02 21.36 -1.31
C THR C 3 28.94 20.78 -2.38
N LYS C 4 29.13 21.53 -3.46
CA LYS C 4 30.06 21.15 -4.52
C LYS C 4 31.49 21.47 -4.07
N GLN C 5 32.42 20.50 -4.25
CA GLN C 5 33.85 20.66 -3.91
C GLN C 5 34.53 21.56 -4.92
N THR C 6 35.68 22.19 -4.55
CA THR C 6 36.42 23.03 -5.49
C THR C 6 37.26 22.06 -6.34
N ALA C 7 36.80 21.79 -7.58
CA ALA C 7 37.37 20.84 -8.56
C ALA C 7 38.83 21.13 -8.95
N ARG C 8 39.63 20.07 -9.08
CA ARG C 8 41.02 20.13 -9.47
C ARG C 8 41.23 19.41 -10.81
N LYS C 9 42.13 19.95 -11.67
CA LYS C 9 42.44 19.39 -12.99
C LYS C 9 43.49 18.30 -12.86
N SER C 10 43.27 17.17 -13.55
CA SER C 10 44.19 16.04 -13.61
C SER C 10 45.28 16.32 -14.65
N THR C 11 46.53 15.86 -14.38
CA THR C 11 47.68 16.03 -15.28
C THR C 11 47.92 14.70 -16.06
N ALA D 1 -22.08 -9.56 -6.24
CA ALA D 1 -22.15 -10.88 -5.63
C ALA D 1 -20.80 -11.26 -5.04
N ARG D 2 -20.81 -12.09 -3.98
CA ARG D 2 -19.58 -12.52 -3.35
C ARG D 2 -19.33 -14.00 -3.64
N THR D 3 -18.06 -14.31 -3.91
CA THR D 3 -17.59 -15.67 -4.16
C THR D 3 -17.08 -16.24 -2.86
N LYS D 4 -17.63 -17.40 -2.45
CA LYS D 4 -17.17 -18.08 -1.25
C LYS D 4 -15.88 -18.83 -1.56
N GLN D 5 -14.87 -18.68 -0.68
CA GLN D 5 -13.57 -19.36 -0.80
C GLN D 5 -13.71 -20.87 -0.54
N THR D 6 -12.76 -21.68 -1.02
CA THR D 6 -12.75 -23.12 -0.72
C THR D 6 -12.12 -23.23 0.68
N ALA D 7 -12.97 -23.45 1.70
CA ALA D 7 -12.63 -23.50 3.14
C ALA D 7 -11.60 -24.57 3.50
N ARG D 8 -10.66 -24.19 4.39
CA ARG D 8 -9.57 -25.02 4.89
C ARG D 8 -9.77 -25.32 6.39
N LYS D 9 -9.38 -26.54 6.81
CA LYS D 9 -9.52 -27.01 8.19
C LYS D 9 -8.35 -26.55 9.07
N SER D 10 -8.68 -26.03 10.24
CA SER D 10 -7.70 -25.60 11.23
C SER D 10 -7.36 -26.78 12.16
N THR D 11 -6.09 -26.84 12.60
CA THR D 11 -5.51 -27.81 13.55
C THR D 11 -5.14 -26.99 14.89
N GLY D 12 -5.56 -25.70 14.99
CA GLY D 12 -5.30 -24.82 16.12
C GLY D 12 -4.23 -23.87 15.63
N GLY D 13 -4.64 -23.04 14.68
CA GLY D 13 -3.85 -22.10 13.90
C GLY D 13 -4.56 -21.79 12.60
N LYS D 14 -4.06 -20.80 11.83
CA LYS D 14 -4.68 -20.36 10.56
C LYS D 14 -4.77 -21.52 9.53
N ALA D 15 -5.84 -21.47 8.69
CA ALA D 15 -6.23 -22.38 7.60
C ALA D 15 -5.47 -23.73 7.58
#